data_6XJI
#
_entry.id   6XJI
#
_cell.length_a   1.00
_cell.length_b   1.00
_cell.length_c   1.00
_cell.angle_alpha   90.00
_cell.angle_beta   90.00
_cell.angle_gamma   90.00
#
_symmetry.space_group_name_H-M   'P 1'
#
loop_
_entity.id
_entity.type
_entity.pdbx_description
1 polymer 'Phenol-soluble modulin export ABC transporter permease subunit PmtD'
2 polymer 'ABC transporter ATP-binding protein'
3 non-polymer 'PHOSPHOTHIOPHOSPHORIC ACID-ADENYLATE ESTER'
4 non-polymer 'MAGNESIUM ION'
#
loop_
_entity_poly.entity_id
_entity_poly.type
_entity_poly.pdbx_seq_one_letter_code
_entity_poly.pdbx_strand_id
1 'polypeptide(L)'
;MHHHHHHHHHHSSGLVPRGSHRILNLVKYDLYSIFKSPLTYLAILVVSSLIATQSILMANSMDNPKHIIVYGSVFAAAKW
LLLIIGLMFVVKTITRDFSQGTIQLYMSKVKTRVGYIISKTISIILISILFALIHYVILIVVQASSNGKNLAFSKYVDNL
WFFLIFLLFFGLFLFLITLASQKTAMIFSLGVFLVLIVPFIKPFITFIPRYGEKVLDAFDYIPFAYLTDKMISSNFDFSN
WQWVISLGSIVIFFILNILYVAKKDI
;
A,B
2 'polypeptide(L)'
;MKLEHITKKYGSNVVLNDIDFDFGDSRIVGLIGKNGVGKTTVMKVMNGNIIKFDGKVDIDNADNIGFLIEHPKLYDNKSG
LYNLKLFAQVLGKGFDKAYTDKIIDAFGMRPYIKKKVKKYSMGMKQKLAIAVSLMNKPKFLILDEPTNGMDPDGSIDVLT
TIKSLVNELDMRILISSHKLEDIELICDRAVFLRDGHFVQDVNMEEGVASDTTIVTVDHKDFDRTEKYLAEHFQLQNVDK
ADGHLMINAQKNYQVILKALSELDIYPKYIETRKSSLRDTYFNINQRGDK
;
C,D
#
loop_
_chem_comp.id
_chem_comp.type
_chem_comp.name
_chem_comp.formula
AGS non-polymer 'PHOSPHOTHIOPHOSPHORIC ACID-ADENYLATE ESTER' 'C10 H16 N5 O12 P3 S'
MG non-polymer 'MAGNESIUM ION' 'Mg 2'
#
# COMPACT_ATOMS: atom_id res chain seq x y z
N VAL A 16 4.38 21.14 29.09
CA VAL A 16 5.69 21.76 29.22
C VAL A 16 6.19 22.22 27.84
N PRO A 17 7.20 23.13 27.76
CA PRO A 17 7.81 23.64 26.54
C PRO A 17 8.37 22.56 25.63
N ARG A 18 8.72 21.40 26.20
CA ARG A 18 9.25 20.30 25.44
C ARG A 18 8.19 19.78 24.49
N GLY A 19 6.93 19.76 24.98
CA GLY A 19 5.79 19.30 24.21
C GLY A 19 5.58 20.27 23.10
N SER A 20 5.56 21.55 23.47
CA SER A 20 5.33 22.63 22.52
C SER A 20 6.39 22.62 21.44
N HIS A 21 7.63 22.35 21.82
CA HIS A 21 8.73 22.30 20.89
C HIS A 21 8.48 21.20 19.86
N ARG A 22 8.15 19.98 20.30
CA ARG A 22 7.92 18.90 19.35
C ARG A 22 6.79 19.23 18.39
N ILE A 23 5.75 19.88 18.89
CA ILE A 23 4.64 20.25 18.03
C ILE A 23 5.12 21.21 16.96
N LEU A 24 5.87 22.22 17.37
CA LEU A 24 6.39 23.16 16.41
C LEU A 24 7.35 22.53 15.43
N ASN A 25 8.13 21.54 15.85
CA ASN A 25 9.05 20.96 14.89
C ASN A 25 8.27 20.34 13.74
N LEU A 26 7.11 19.75 14.01
CA LEU A 26 6.33 19.20 12.91
C LEU A 26 5.86 20.32 12.00
N VAL A 27 5.44 21.43 12.60
CA VAL A 27 4.98 22.56 11.79
C VAL A 27 6.07 23.03 10.88
N LYS A 28 7.27 23.16 11.43
CA LYS A 28 8.37 23.63 10.62
C LYS A 28 8.59 22.76 9.43
N TYR A 29 8.53 21.43 9.59
CA TYR A 29 8.73 20.60 8.42
C TYR A 29 7.67 20.79 7.37
N ASP A 30 6.40 20.93 7.75
CA ASP A 30 5.41 21.13 6.69
C ASP A 30 5.64 22.42 5.92
N LEU A 31 6.01 23.49 6.61
CA LEU A 31 6.24 24.74 5.91
C LEU A 31 7.50 24.64 5.09
N TYR A 32 8.50 23.97 5.63
CA TYR A 32 9.76 23.81 4.96
C TYR A 32 9.49 23.19 3.62
N SER A 33 8.69 22.12 3.61
CA SER A 33 8.36 21.44 2.37
C SER A 33 7.75 22.40 1.35
N ILE A 34 6.84 23.24 1.80
CA ILE A 34 6.23 24.18 0.88
C ILE A 34 7.27 25.03 0.20
N PHE A 35 8.24 25.50 0.94
CA PHE A 35 9.23 26.35 0.34
C PHE A 35 10.32 25.65 -0.46
N LYS A 36 10.27 24.33 -0.58
CA LYS A 36 11.27 23.66 -1.37
C LYS A 36 10.70 23.11 -2.66
N SER A 37 9.47 22.62 -2.63
CA SER A 37 8.93 22.04 -3.84
C SER A 37 8.81 23.05 -4.99
N PRO A 38 9.27 22.70 -6.20
CA PRO A 38 9.22 23.53 -7.39
C PRO A 38 7.80 23.83 -7.77
N LEU A 39 6.86 23.01 -7.29
CA LEU A 39 5.48 23.23 -7.60
C LEU A 39 5.01 24.53 -7.00
N THR A 40 5.51 24.86 -5.81
CA THR A 40 5.13 26.09 -5.16
C THR A 40 5.56 27.22 -6.00
N TYR A 41 6.79 27.13 -6.45
CA TYR A 41 7.33 28.22 -7.22
C TYR A 41 6.56 28.37 -8.52
N LEU A 42 6.20 27.26 -9.14
CA LEU A 42 5.43 27.34 -10.35
C LEU A 42 4.13 28.05 -10.10
N ALA A 43 3.41 27.65 -9.06
CA ALA A 43 2.11 28.25 -8.79
C ALA A 43 2.22 29.75 -8.59
N ILE A 44 3.28 30.19 -7.92
CA ILE A 44 3.46 31.62 -7.72
C ILE A 44 3.63 32.31 -9.03
N LEU A 45 4.48 31.77 -9.89
CA LEU A 45 4.70 32.39 -11.18
C LEU A 45 3.43 32.44 -11.99
N VAL A 46 2.59 31.41 -11.91
CA VAL A 46 1.36 31.44 -12.66
C VAL A 46 0.48 32.58 -12.20
N VAL A 47 0.34 32.75 -10.89
CA VAL A 47 -0.48 33.84 -10.42
C VAL A 47 0.06 35.16 -10.86
N SER A 48 1.37 35.35 -10.73
CA SER A 48 1.98 36.60 -11.11
C SER A 48 1.72 36.89 -12.56
N SER A 49 1.89 35.88 -13.42
CA SER A 49 1.67 36.05 -14.82
C SER A 49 0.24 36.46 -15.10
N LEU A 50 -0.73 35.79 -14.50
CA LEU A 50 -2.11 36.12 -14.76
C LEU A 50 -2.45 37.53 -14.36
N ILE A 51 -1.95 37.97 -13.23
CA ILE A 51 -2.23 39.32 -12.81
C ILE A 51 -1.58 40.32 -13.72
N ALA A 52 -0.32 40.10 -14.06
CA ALA A 52 0.37 41.01 -14.93
C ALA A 52 -0.35 41.09 -16.24
N THR A 53 -0.84 39.94 -16.71
CA THR A 53 -1.55 39.87 -17.96
C THR A 53 -2.77 40.72 -17.92
N GLN A 54 -3.58 40.64 -16.88
CA GLN A 54 -4.77 41.47 -16.89
C GLN A 54 -4.42 42.95 -16.89
N SER A 55 -3.41 43.31 -16.10
CA SER A 55 -3.03 44.70 -16.00
C SER A 55 -2.57 45.25 -17.34
N ILE A 56 -1.66 44.51 -17.94
CA ILE A 56 -1.07 44.89 -19.19
C ILE A 56 -2.02 44.83 -20.35
N LEU A 57 -2.79 43.76 -20.48
CA LEU A 57 -3.63 43.68 -21.66
C LEU A 57 -4.77 44.63 -21.70
N MET A 58 -5.55 44.74 -20.64
CA MET A 58 -6.67 45.63 -20.83
C MET A 58 -6.80 46.64 -19.76
N ALA A 59 -6.27 46.42 -18.56
CA ALA A 59 -6.58 47.41 -17.56
C ALA A 59 -6.08 48.77 -18.02
N ASN A 60 -4.91 48.78 -18.65
CA ASN A 60 -4.32 50.01 -19.14
C ASN A 60 -4.72 50.37 -20.57
N SER A 61 -5.58 49.58 -21.22
CA SER A 61 -5.90 49.83 -22.63
C SER A 61 -7.35 49.72 -23.12
N MET A 62 -8.25 49.05 -22.39
CA MET A 62 -9.58 48.73 -22.94
C MET A 62 -10.37 49.92 -23.43
N ASP A 63 -10.38 50.97 -22.62
CA ASP A 63 -11.10 52.20 -22.94
C ASP A 63 -10.16 53.29 -23.40
N ASN A 64 -8.93 52.89 -23.76
CA ASN A 64 -7.90 53.81 -24.12
C ASN A 64 -7.71 54.91 -23.05
N PRO A 65 -7.53 54.54 -21.77
CA PRO A 65 -7.34 55.43 -20.66
C PRO A 65 -5.93 55.90 -20.75
N LYS A 66 -5.56 56.92 -19.99
CA LYS A 66 -4.16 57.28 -19.95
C LYS A 66 -3.41 56.39 -18.97
N HIS A 67 -3.39 55.10 -19.26
CA HIS A 67 -2.74 54.06 -18.46
C HIS A 67 -3.12 54.06 -16.96
N ILE A 68 -4.41 54.20 -16.65
CA ILE A 68 -4.89 54.23 -15.26
C ILE A 68 -5.75 53.02 -14.99
N ILE A 69 -5.45 52.30 -13.91
CA ILE A 69 -6.18 51.08 -13.64
C ILE A 69 -6.86 50.99 -12.30
N VAL A 70 -7.75 50.02 -12.20
CA VAL A 70 -8.47 49.74 -10.97
C VAL A 70 -7.79 48.59 -10.25
N TYR A 71 -7.09 48.93 -9.18
CA TYR A 71 -6.34 47.94 -8.45
C TYR A 71 -7.31 46.97 -7.82
N GLY A 72 -8.48 47.47 -7.46
CA GLY A 72 -9.52 46.65 -6.87
C GLY A 72 -9.92 45.45 -7.75
N SER A 73 -9.86 45.59 -9.08
CA SER A 73 -10.24 44.48 -9.92
C SER A 73 -9.15 43.44 -9.84
N VAL A 74 -7.92 43.94 -9.84
CA VAL A 74 -6.76 43.07 -9.78
C VAL A 74 -6.75 42.33 -8.45
N PHE A 75 -7.00 43.08 -7.40
CA PHE A 75 -6.99 42.64 -6.03
C PHE A 75 -7.91 41.46 -5.88
N ALA A 76 -9.15 41.62 -6.32
CA ALA A 76 -10.09 40.53 -6.20
C ALA A 76 -9.66 39.31 -6.99
N ALA A 77 -9.16 39.51 -8.21
CA ALA A 77 -8.75 38.35 -8.97
C ALA A 77 -7.61 37.61 -8.31
N ALA A 78 -6.64 38.36 -7.79
CA ALA A 78 -5.51 37.74 -7.16
C ALA A 78 -5.94 36.95 -5.95
N LYS A 79 -6.88 37.50 -5.19
CA LYS A 79 -7.38 36.81 -4.03
C LYS A 79 -7.96 35.49 -4.44
N TRP A 80 -8.84 35.49 -5.43
CA TRP A 80 -9.45 34.24 -5.87
C TRP A 80 -8.43 33.18 -6.15
N LEU A 81 -7.42 33.53 -6.94
CA LEU A 81 -6.43 32.55 -7.31
C LEU A 81 -5.62 32.06 -6.14
N LEU A 82 -5.21 32.98 -5.28
CA LEU A 82 -4.42 32.55 -4.16
C LEU A 82 -5.21 31.77 -3.14
N LEU A 83 -6.47 32.08 -2.94
CA LEU A 83 -7.25 31.28 -2.01
C LEU A 83 -7.38 29.87 -2.50
N ILE A 84 -7.58 29.66 -3.80
CA ILE A 84 -7.66 28.31 -4.29
C ILE A 84 -6.35 27.58 -4.15
N ILE A 85 -5.27 28.21 -4.55
CA ILE A 85 -3.99 27.53 -4.46
C ILE A 85 -3.73 27.24 -3.00
N GLY A 86 -3.96 28.23 -2.15
CA GLY A 86 -3.80 28.13 -0.73
C GLY A 86 -4.58 26.97 -0.19
N LEU A 87 -5.86 26.85 -0.56
CA LEU A 87 -6.64 25.76 -0.05
C LEU A 87 -6.03 24.44 -0.46
N MET A 88 -5.56 24.33 -1.69
CA MET A 88 -4.94 23.07 -2.07
C MET A 88 -3.69 22.81 -1.25
N PHE A 89 -2.93 23.85 -0.91
CA PHE A 89 -1.74 23.67 -0.07
C PHE A 89 -2.17 23.19 1.30
N VAL A 90 -3.26 23.74 1.79
CA VAL A 90 -3.80 23.32 3.04
C VAL A 90 -4.22 21.87 2.98
N VAL A 91 -4.91 21.46 1.92
CA VAL A 91 -5.31 20.09 1.84
C VAL A 91 -4.12 19.18 1.81
N LYS A 92 -3.08 19.52 1.05
CA LYS A 92 -1.91 18.66 1.01
C LYS A 92 -1.29 18.55 2.39
N THR A 93 -1.24 19.66 3.11
CA THR A 93 -0.68 19.66 4.44
C THR A 93 -1.45 18.68 5.32
N ILE A 94 -2.77 18.73 5.21
CA ILE A 94 -3.66 17.84 5.93
C ILE A 94 -3.53 16.37 5.57
N THR A 95 -3.51 16.06 4.28
CA THR A 95 -3.50 14.69 3.83
C THR A 95 -2.15 14.00 3.70
N ARG A 96 -1.04 14.74 3.72
CA ARG A 96 0.29 14.17 3.59
C ARG A 96 0.54 12.92 4.43
N ASP A 97 0.06 12.88 5.67
CA ASP A 97 0.35 11.76 6.55
C ASP A 97 -0.55 10.58 6.30
N PHE A 98 -1.69 10.82 5.68
CA PHE A 98 -2.57 9.73 5.37
C PHE A 98 -2.04 9.08 4.12
N SER A 99 -1.58 9.92 3.21
CA SER A 99 -1.04 9.50 1.93
C SER A 99 0.17 8.62 2.07
N GLN A 100 1.12 9.05 2.89
CA GLN A 100 2.34 8.29 3.08
C GLN A 100 2.20 7.24 4.15
N GLY A 101 1.10 7.29 4.86
CA GLY A 101 0.77 6.37 5.94
C GLY A 101 1.47 6.69 7.25
N THR A 102 2.24 7.77 7.26
CA THR A 102 3.06 8.19 8.37
C THR A 102 2.26 8.60 9.58
N ILE A 103 0.96 8.80 9.41
CA ILE A 103 0.10 9.12 10.53
C ILE A 103 0.17 8.08 11.63
N GLN A 104 0.44 6.84 11.27
CA GLN A 104 0.50 5.76 12.23
C GLN A 104 1.62 5.95 13.23
N LEU A 105 2.62 6.73 12.86
CA LEU A 105 3.78 6.97 13.70
C LEU A 105 3.54 8.12 14.66
N TYR A 106 2.43 8.79 14.52
CA TYR A 106 2.15 9.91 15.38
C TYR A 106 1.09 9.57 16.38
N MET A 107 0.04 8.93 15.92
CA MET A 107 -1.06 8.71 16.84
C MET A 107 -0.91 7.49 17.72
N SER A 108 -0.03 7.64 18.71
CA SER A 108 0.32 6.58 19.65
C SER A 108 -0.18 6.87 21.07
N LYS A 109 -0.46 8.11 21.37
CA LYS A 109 -0.94 8.44 22.70
C LYS A 109 -1.69 9.73 22.65
N VAL A 110 -2.48 10.01 23.66
CA VAL A 110 -3.26 11.22 23.60
C VAL A 110 -2.43 12.47 23.52
N LYS A 111 -1.38 12.61 24.30
CA LYS A 111 -0.66 13.86 24.21
C LYS A 111 -0.18 14.14 22.80
N THR A 112 0.33 13.11 22.12
CA THR A 112 0.80 13.27 20.77
C THR A 112 -0.36 13.50 19.81
N ARG A 113 -1.45 12.73 19.93
CA ARG A 113 -2.59 12.84 19.03
C ARG A 113 -3.14 14.26 19.05
N VAL A 114 -3.21 14.83 20.23
CA VAL A 114 -3.68 16.17 20.35
C VAL A 114 -2.67 17.11 19.74
N GLY A 115 -1.39 16.92 20.04
CA GLY A 115 -0.35 17.74 19.49
C GLY A 115 -0.38 17.73 17.97
N TYR A 116 -0.71 16.60 17.37
CA TYR A 116 -0.79 16.48 15.92
C TYR A 116 -1.82 17.48 15.40
N ILE A 117 -3.01 17.51 16.01
CA ILE A 117 -4.04 18.45 15.59
C ILE A 117 -3.57 19.86 15.76
N ILE A 118 -2.92 20.13 16.87
CA ILE A 118 -2.45 21.47 17.13
C ILE A 118 -1.46 21.88 16.07
N SER A 119 -0.52 21.01 15.76
CA SER A 119 0.50 21.30 14.78
C SER A 119 -0.14 21.62 13.45
N LYS A 120 -1.08 20.80 13.03
CA LYS A 120 -1.67 21.05 11.75
C LYS A 120 -2.44 22.36 11.76
N THR A 121 -3.12 22.67 12.86
CA THR A 121 -3.85 23.91 12.93
C THR A 121 -2.89 25.07 12.74
N ILE A 122 -1.75 25.01 13.40
CA ILE A 122 -0.77 26.07 13.27
C ILE A 122 -0.29 26.14 11.84
N SER A 123 0.01 25.01 11.21
CA SER A 123 0.45 25.03 9.83
C SER A 123 -0.59 25.69 8.94
N ILE A 124 -1.86 25.41 9.16
CA ILE A 124 -2.89 26.01 8.33
C ILE A 124 -2.85 27.50 8.47
N ILE A 125 -2.73 27.99 9.69
CA ILE A 125 -2.65 29.42 9.90
C ILE A 125 -1.45 30.01 9.17
N LEU A 126 -0.30 29.38 9.30
CA LEU A 126 0.88 29.92 8.65
C LEU A 126 0.76 29.88 7.13
N ILE A 127 0.11 28.87 6.58
CA ILE A 127 -0.09 28.83 5.15
C ILE A 127 -0.93 30.02 4.76
N SER A 128 -2.00 30.25 5.49
CA SER A 128 -2.86 31.37 5.17
C SER A 128 -2.11 32.68 5.21
N ILE A 129 -1.22 32.85 6.17
CA ILE A 129 -0.43 34.06 6.24
C ILE A 129 0.44 34.15 5.01
N LEU A 130 1.11 33.08 4.63
CA LEU A 130 1.95 33.11 3.46
C LEU A 130 1.19 33.53 2.24
N PHE A 131 0.03 32.96 2.01
CA PHE A 131 -0.72 33.32 0.84
C PHE A 131 -1.14 34.76 0.87
N ALA A 132 -1.55 35.26 2.03
CA ALA A 132 -1.90 36.65 2.12
C ALA A 132 -0.69 37.53 1.80
N LEU A 133 0.50 37.14 2.25
CA LEU A 133 1.69 37.92 1.94
C LEU A 133 1.96 37.92 0.46
N ILE A 134 1.74 36.79 -0.20
CA ILE A 134 1.96 36.74 -1.63
C ILE A 134 1.00 37.70 -2.27
N HIS A 135 -0.26 37.64 -1.87
CA HIS A 135 -1.26 38.51 -2.43
C HIS A 135 -0.83 39.95 -2.33
N TYR A 136 -0.40 40.34 -1.15
CA TYR A 136 0.05 41.68 -0.91
C TYR A 136 1.14 42.05 -1.89
N VAL A 137 2.16 41.22 -1.98
CA VAL A 137 3.26 41.53 -2.86
C VAL A 137 2.86 41.67 -4.30
N ILE A 138 2.03 40.76 -4.80
CA ILE A 138 1.65 40.84 -6.18
C ILE A 138 0.97 42.17 -6.44
N LEU A 139 0.07 42.57 -5.56
CA LEU A 139 -0.60 43.83 -5.78
C LEU A 139 0.31 45.03 -5.61
N ILE A 140 1.27 44.97 -4.70
CA ILE A 140 2.18 46.10 -4.56
C ILE A 140 2.94 46.29 -5.84
N VAL A 141 3.39 45.19 -6.46
CA VAL A 141 4.08 45.31 -7.72
C VAL A 141 3.20 45.98 -8.75
N VAL A 142 1.94 45.59 -8.82
CA VAL A 142 1.03 46.20 -9.76
C VAL A 142 0.90 47.70 -9.51
N GLN A 143 0.78 48.09 -8.24
CA GLN A 143 0.71 49.50 -7.90
C GLN A 143 1.98 50.23 -8.27
N ALA A 144 3.12 49.60 -8.06
CA ALA A 144 4.36 50.24 -8.44
C ALA A 144 4.43 50.46 -9.95
N SER A 145 3.96 49.45 -10.69
CA SER A 145 3.96 49.43 -12.15
C SER A 145 3.10 50.48 -12.85
N SER A 146 1.86 50.68 -12.41
CA SER A 146 1.00 51.63 -13.15
C SER A 146 0.32 52.71 -12.33
N ASN A 147 -0.58 53.45 -12.98
CA ASN A 147 -1.25 54.54 -12.32
C ASN A 147 -2.61 54.15 -11.77
N GLY A 148 -3.03 54.87 -10.75
CA GLY A 148 -4.31 54.67 -10.10
C GLY A 148 -4.11 55.01 -8.63
N LYS A 149 -5.18 55.14 -7.87
CA LYS A 149 -5.02 55.44 -6.47
C LYS A 149 -4.71 54.17 -5.72
N ASN A 150 -3.60 54.15 -5.00
CA ASN A 150 -3.16 52.96 -4.29
C ASN A 150 -4.19 52.54 -3.28
N LEU A 151 -4.24 51.24 -3.01
CA LEU A 151 -5.21 50.73 -2.07
C LEU A 151 -4.73 50.94 -0.66
N ALA A 152 -5.67 51.15 0.25
CA ALA A 152 -5.32 51.36 1.63
C ALA A 152 -4.58 50.19 2.21
N PHE A 153 -3.59 50.48 3.05
CA PHE A 153 -2.88 49.42 3.71
C PHE A 153 -3.87 48.57 4.49
N SER A 154 -4.78 49.24 5.16
CA SER A 154 -5.80 48.58 5.96
C SER A 154 -6.71 47.67 5.14
N LYS A 155 -6.77 47.86 3.82
CA LYS A 155 -7.61 47.02 2.99
C LYS A 155 -6.89 45.73 2.82
N TYR A 156 -5.57 45.83 2.64
CA TYR A 156 -4.76 44.64 2.51
C TYR A 156 -4.83 43.85 3.83
N VAL A 157 -4.84 44.57 4.93
CA VAL A 157 -4.91 43.92 6.22
C VAL A 157 -6.22 43.19 6.35
N ASP A 158 -7.33 43.83 6.02
CA ASP A 158 -8.57 43.11 6.12
C ASP A 158 -8.54 41.89 5.23
N ASN A 159 -7.90 41.99 4.08
CA ASN A 159 -7.80 40.85 3.20
C ASN A 159 -7.11 39.67 3.91
N LEU A 160 -6.12 39.97 4.77
CA LEU A 160 -5.48 38.91 5.54
C LEU A 160 -6.50 38.24 6.38
N TRP A 161 -7.29 39.02 7.08
CA TRP A 161 -8.29 38.42 7.92
C TRP A 161 -9.19 37.51 7.12
N PHE A 162 -9.57 37.93 5.93
CA PHE A 162 -10.41 37.06 5.12
C PHE A 162 -9.67 35.77 4.86
N PHE A 163 -8.41 35.85 4.42
CA PHE A 163 -7.67 34.62 4.15
C PHE A 163 -7.61 33.71 5.34
N LEU A 164 -7.31 34.26 6.51
CA LEU A 164 -7.16 33.42 7.68
C LEU A 164 -8.43 32.69 7.98
N ILE A 165 -9.54 33.38 7.92
CA ILE A 165 -10.80 32.78 8.23
C ILE A 165 -11.21 31.79 7.18
N PHE A 166 -11.13 32.17 5.92
CA PHE A 166 -11.55 31.28 4.86
C PHE A 166 -10.81 29.98 4.90
N LEU A 167 -9.50 30.06 4.89
CA LEU A 167 -8.71 28.87 4.86
C LEU A 167 -8.78 28.08 6.14
N LEU A 168 -8.85 28.73 7.30
CA LEU A 168 -8.89 27.95 8.50
C LEU A 168 -10.22 27.21 8.57
N PHE A 169 -11.31 27.87 8.21
CA PHE A 169 -12.61 27.22 8.21
C PHE A 169 -12.60 25.99 7.35
N PHE A 170 -12.19 26.15 6.10
CA PHE A 170 -12.20 25.00 5.23
C PHE A 170 -11.19 23.98 5.63
N GLY A 171 -10.03 24.41 6.06
CA GLY A 171 -8.98 23.51 6.46
C GLY A 171 -9.43 22.61 7.57
N LEU A 172 -9.91 23.17 8.68
CA LEU A 172 -10.31 22.33 9.79
C LEU A 172 -11.48 21.45 9.41
N PHE A 173 -12.42 21.96 8.64
CA PHE A 173 -13.54 21.15 8.20
C PHE A 173 -13.05 19.93 7.45
N LEU A 174 -12.21 20.16 6.46
CA LEU A 174 -11.68 19.09 5.65
C LEU A 174 -10.81 18.16 6.47
N PHE A 175 -10.08 18.69 7.43
CA PHE A 175 -9.23 17.90 8.30
C PHE A 175 -10.11 16.90 9.01
N LEU A 176 -11.21 17.37 9.60
CA LEU A 176 -12.10 16.47 10.31
C LEU A 176 -12.58 15.38 9.39
N ILE A 177 -12.94 15.72 8.17
CA ILE A 177 -13.40 14.72 7.24
C ILE A 177 -12.29 13.74 6.93
N THR A 178 -11.09 14.25 6.73
CA THR A 178 -9.94 13.42 6.41
C THR A 178 -9.79 12.38 7.49
N LEU A 179 -9.85 12.80 8.74
CA LEU A 179 -9.70 11.89 9.86
C LEU A 179 -10.89 10.94 10.01
N ALA A 180 -12.07 11.42 9.69
CA ALA A 180 -13.25 10.61 9.75
C ALA A 180 -13.22 9.45 8.75
N SER A 181 -12.79 9.74 7.53
CA SER A 181 -12.79 8.73 6.48
C SER A 181 -11.45 8.06 6.20
N GLN A 182 -10.37 8.71 6.55
CA GLN A 182 -9.01 8.25 6.29
C GLN A 182 -8.76 8.04 4.80
N LYS A 183 -9.24 8.98 4.00
CA LYS A 183 -9.09 8.98 2.55
C LYS A 183 -8.51 10.31 2.17
N THR A 184 -7.73 10.38 1.10
CA THR A 184 -7.19 11.67 0.71
C THR A 184 -7.78 12.19 -0.60
N ALA A 185 -8.19 11.28 -1.47
CA ALA A 185 -8.67 11.69 -2.78
C ALA A 185 -9.88 12.57 -2.67
N MET A 186 -10.71 12.30 -1.68
CA MET A 186 -11.94 13.00 -1.53
C MET A 186 -11.80 14.27 -0.76
N ILE A 187 -10.61 14.57 -0.31
CA ILE A 187 -10.44 15.78 0.44
C ILE A 187 -10.10 16.81 -0.58
N PHE A 188 -9.22 16.44 -1.50
CA PHE A 188 -8.87 17.39 -2.55
C PHE A 188 -10.12 17.65 -3.37
N SER A 189 -10.90 16.61 -3.64
CA SER A 189 -12.12 16.77 -4.39
C SER A 189 -13.05 17.74 -3.69
N LEU A 190 -13.31 17.56 -2.39
CA LEU A 190 -14.19 18.50 -1.72
C LEU A 190 -13.65 19.89 -1.71
N GLY A 191 -12.37 20.07 -1.51
CA GLY A 191 -11.86 21.42 -1.48
C GLY A 191 -12.27 22.14 -2.76
N VAL A 192 -11.97 21.53 -3.89
CA VAL A 192 -12.28 22.14 -5.16
C VAL A 192 -13.76 22.28 -5.38
N PHE A 193 -14.49 21.21 -5.12
CA PHE A 193 -15.91 21.18 -5.35
C PHE A 193 -16.61 22.27 -4.62
N LEU A 194 -16.34 22.41 -3.34
CA LEU A 194 -17.06 23.39 -2.58
C LEU A 194 -16.78 24.79 -3.12
N VAL A 195 -15.51 25.08 -3.42
CA VAL A 195 -15.20 26.40 -3.92
C VAL A 195 -15.87 26.74 -5.21
N LEU A 196 -15.89 25.83 -6.13
CA LEU A 196 -16.49 26.16 -7.40
C LEU A 196 -17.97 25.83 -7.51
N ILE A 197 -18.63 25.41 -6.42
CA ILE A 197 -20.03 25.09 -6.60
C ILE A 197 -20.88 26.26 -6.18
N VAL A 198 -20.55 26.90 -5.08
CA VAL A 198 -21.40 28.01 -4.67
C VAL A 198 -21.71 29.03 -5.79
N PRO A 199 -20.72 29.66 -6.46
CA PRO A 199 -20.91 30.63 -7.52
C PRO A 199 -21.56 30.05 -8.76
N PHE A 200 -21.57 28.74 -8.89
CA PHE A 200 -22.19 28.10 -10.01
C PHE A 200 -23.65 27.97 -9.77
N ILE A 201 -23.98 27.41 -8.62
CA ILE A 201 -25.35 27.09 -8.35
C ILE A 201 -26.20 28.31 -8.05
N LYS A 202 -25.67 29.33 -7.33
CA LYS A 202 -26.51 30.47 -7.03
C LYS A 202 -27.38 30.95 -8.21
N PRO A 203 -26.82 31.49 -9.30
CA PRO A 203 -27.54 32.02 -10.43
C PRO A 203 -28.16 30.95 -11.31
N PHE A 204 -27.88 29.68 -11.05
CA PHE A 204 -28.42 28.66 -11.90
C PHE A 204 -29.84 28.38 -11.46
N ILE A 205 -30.04 28.16 -10.16
CA ILE A 205 -31.40 27.86 -9.73
C ILE A 205 -31.94 28.62 -8.52
N THR A 206 -31.19 29.52 -7.88
CA THR A 206 -31.70 30.10 -6.64
C THR A 206 -33.00 30.83 -6.84
N PHE A 207 -33.11 31.52 -7.95
CA PHE A 207 -34.26 32.32 -8.30
C PHE A 207 -35.50 31.51 -8.70
N ILE A 208 -35.34 30.22 -8.98
CA ILE A 208 -36.44 29.41 -9.46
C ILE A 208 -37.58 29.06 -8.47
N PRO A 209 -37.33 28.56 -7.24
CA PRO A 209 -38.34 28.21 -6.25
C PRO A 209 -39.05 29.39 -5.65
N ARG A 210 -40.25 29.16 -5.11
CA ARG A 210 -40.99 30.20 -4.36
C ARG A 210 -40.26 30.63 -3.11
N TYR A 211 -39.29 29.81 -2.72
CA TYR A 211 -38.48 30.06 -1.57
C TYR A 211 -37.16 30.67 -2.01
N GLY A 212 -37.05 31.07 -3.27
CA GLY A 212 -35.82 31.62 -3.80
C GLY A 212 -35.25 32.70 -2.92
N GLU A 213 -36.04 33.70 -2.57
CA GLU A 213 -35.54 34.77 -1.74
C GLU A 213 -35.13 34.26 -0.37
N LYS A 214 -35.93 33.35 0.19
CA LYS A 214 -35.64 32.77 1.48
C LYS A 214 -34.27 32.09 1.46
N VAL A 215 -34.04 31.30 0.43
CA VAL A 215 -32.80 30.56 0.24
C VAL A 215 -31.64 31.49 0.06
N LEU A 216 -31.81 32.49 -0.77
CA LEU A 216 -30.73 33.38 -0.99
C LEU A 216 -30.36 34.07 0.30
N ASP A 217 -31.34 34.56 1.05
CA ASP A 217 -31.04 35.23 2.32
C ASP A 217 -30.35 34.28 3.27
N ALA A 218 -30.77 33.01 3.24
CA ALA A 218 -30.21 31.99 4.10
C ALA A 218 -28.73 31.85 3.90
N PHE A 219 -28.24 32.09 2.69
CA PHE A 219 -26.83 31.91 2.44
C PHE A 219 -25.98 32.82 3.31
N ASP A 220 -26.50 33.96 3.73
CA ASP A 220 -25.71 34.85 4.56
C ASP A 220 -25.37 34.25 5.90
N TYR A 221 -26.05 33.17 6.29
CA TYR A 221 -25.82 32.56 7.56
C TYR A 221 -25.14 31.19 7.41
N ILE A 222 -24.73 30.86 6.18
CA ILE A 222 -24.09 29.60 5.90
C ILE A 222 -22.67 29.86 5.42
N PRO A 223 -21.64 29.63 6.22
CA PRO A 223 -20.25 29.90 5.89
C PRO A 223 -19.83 29.34 4.57
N PHE A 224 -20.33 28.18 4.19
CA PHE A 224 -19.88 27.70 2.91
C PHE A 224 -20.27 28.66 1.82
N ALA A 225 -21.49 29.19 1.91
CA ALA A 225 -21.98 30.03 0.88
C ALA A 225 -21.39 31.40 0.95
N TYR A 226 -21.35 31.98 2.14
CA TYR A 226 -20.86 33.34 2.12
C TYR A 226 -19.36 33.44 2.03
N LEU A 227 -18.63 32.45 2.52
CA LEU A 227 -17.20 32.54 2.44
C LEU A 227 -16.79 32.28 1.02
N THR A 228 -17.48 31.37 0.33
CA THR A 228 -17.09 31.12 -1.04
C THR A 228 -17.44 32.35 -1.87
N ASP A 229 -18.62 32.92 -1.69
CA ASP A 229 -19.00 34.05 -2.51
C ASP A 229 -18.05 35.24 -2.38
N LYS A 230 -17.53 35.48 -1.19
CA LYS A 230 -16.67 36.62 -1.00
C LYS A 230 -15.28 36.45 -1.57
N MET A 231 -14.98 35.27 -2.11
CA MET A 231 -13.68 35.01 -2.68
C MET A 231 -13.40 35.90 -3.86
N ILE A 232 -14.44 36.40 -4.53
CA ILE A 232 -14.20 37.24 -5.68
C ILE A 232 -14.61 38.67 -5.45
N SER A 233 -14.77 39.05 -4.20
CA SER A 233 -15.11 40.43 -3.91
C SER A 233 -13.89 41.27 -3.73
N SER A 234 -14.00 42.53 -4.14
CA SER A 234 -12.94 43.51 -3.99
C SER A 234 -12.80 44.00 -2.55
N ASN A 235 -13.78 43.69 -1.74
CA ASN A 235 -13.80 44.09 -0.35
C ASN A 235 -14.75 43.22 0.45
N PHE A 236 -14.83 43.45 1.73
CA PHE A 236 -15.83 42.74 2.50
C PHE A 236 -16.17 43.47 3.75
N ASP A 237 -17.30 43.10 4.31
CA ASP A 237 -17.75 43.62 5.59
C ASP A 237 -18.69 42.56 6.12
N PHE A 238 -18.26 41.80 7.12
CA PHE A 238 -19.10 40.71 7.59
C PHE A 238 -20.13 41.29 8.53
N SER A 239 -21.37 40.80 8.46
CA SER A 239 -22.37 41.27 9.38
C SER A 239 -22.05 40.72 10.73
N ASN A 240 -22.60 41.27 11.79
CA ASN A 240 -22.25 40.72 13.08
C ASN A 240 -22.55 39.25 13.18
N TRP A 241 -23.66 38.82 12.59
CA TRP A 241 -23.95 37.42 12.67
C TRP A 241 -23.00 36.64 11.84
N GLN A 242 -22.78 37.10 10.63
CA GLN A 242 -21.97 36.37 9.70
C GLN A 242 -20.55 36.17 10.23
N TRP A 243 -20.04 37.20 10.88
CA TRP A 243 -18.72 37.20 11.49
C TRP A 243 -18.65 36.14 12.57
N VAL A 244 -19.63 36.20 13.48
CA VAL A 244 -19.70 35.26 14.57
C VAL A 244 -19.89 33.83 14.14
N ILE A 245 -20.76 33.61 13.18
CA ILE A 245 -21.04 32.28 12.73
C ILE A 245 -19.79 31.65 12.17
N SER A 246 -19.07 32.37 11.34
CA SER A 246 -17.85 31.83 10.77
C SER A 246 -16.85 31.48 11.85
N LEU A 247 -16.61 32.40 12.76
CA LEU A 247 -15.63 32.13 13.79
C LEU A 247 -16.06 31.01 14.70
N GLY A 248 -17.34 30.95 15.02
CA GLY A 248 -17.86 29.90 15.86
C GLY A 248 -17.66 28.56 15.20
N SER A 249 -17.86 28.52 13.88
CA SER A 249 -17.69 27.30 13.12
C SER A 249 -16.25 26.84 13.22
N ILE A 250 -15.31 27.77 13.12
CA ILE A 250 -13.91 27.40 13.24
C ILE A 250 -13.63 26.79 14.60
N VAL A 251 -14.14 27.41 15.64
CA VAL A 251 -13.90 26.89 16.95
C VAL A 251 -14.46 25.50 17.13
N ILE A 252 -15.70 25.28 16.70
CA ILE A 252 -16.21 23.95 16.91
C ILE A 252 -15.45 22.92 16.11
N PHE A 253 -15.02 23.24 14.89
CA PHE A 253 -14.29 22.22 14.15
C PHE A 253 -13.03 21.86 14.87
N PHE A 254 -12.32 22.85 15.39
CA PHE A 254 -11.10 22.60 16.11
C PHE A 254 -11.37 21.64 17.27
N ILE A 255 -12.42 21.92 18.04
CA ILE A 255 -12.76 21.07 19.16
C ILE A 255 -13.07 19.67 18.73
N LEU A 256 -13.87 19.52 17.69
CA LEU A 256 -14.22 18.21 17.23
C LEU A 256 -12.99 17.46 16.78
N ASN A 257 -12.06 18.12 16.11
CA ASN A 257 -10.88 17.41 15.67
C ASN A 257 -10.16 16.82 16.85
N ILE A 258 -10.09 17.55 17.95
CA ILE A 258 -9.43 17.01 19.11
C ILE A 258 -10.19 15.86 19.71
N LEU A 259 -11.47 16.01 19.87
CA LEU A 259 -12.22 14.95 20.51
C LEU A 259 -12.16 13.69 19.69
N TYR A 260 -12.22 13.83 18.39
CA TYR A 260 -12.17 12.70 17.49
C TYR A 260 -10.82 12.01 17.48
N VAL A 261 -9.73 12.78 17.33
CA VAL A 261 -8.44 12.15 17.22
C VAL A 261 -8.09 11.36 18.45
N ALA A 262 -8.55 11.84 19.60
CA ALA A 262 -8.32 11.19 20.87
C ALA A 262 -8.94 9.81 20.96
N LYS A 263 -9.93 9.51 20.11
CA LYS A 263 -10.62 8.24 20.19
C LYS A 263 -10.44 7.33 18.97
N LYS A 264 -10.05 7.88 17.83
CA LYS A 264 -9.99 7.08 16.62
C LYS A 264 -8.77 6.17 16.48
N ASP A 265 -9.02 4.86 16.39
CA ASP A 265 -7.95 3.88 16.22
C ASP A 265 -7.20 4.10 14.91
N ILE A 266 -5.87 3.94 14.93
CA ILE A 266 -5.06 4.15 13.73
C ILE A 266 -4.25 2.90 13.40
N VAL B 16 -7.17 -13.18 -30.90
CA VAL B 16 -8.14 -14.26 -30.83
C VAL B 16 -9.22 -13.92 -29.79
N PRO B 17 -10.40 -14.60 -29.82
CA PRO B 17 -11.51 -14.43 -28.89
C PRO B 17 -11.13 -14.64 -27.43
N ARG B 18 -10.07 -15.39 -27.18
CA ARG B 18 -9.61 -15.65 -25.83
C ARG B 18 -9.11 -14.34 -25.21
N GLY B 19 -8.45 -13.52 -26.04
CA GLY B 19 -7.91 -12.24 -25.64
C GLY B 19 -9.07 -11.35 -25.32
N SER B 20 -10.02 -11.32 -26.26
CA SER B 20 -11.20 -10.47 -26.14
C SER B 20 -11.99 -10.84 -24.88
N HIS B 21 -12.08 -12.13 -24.61
CA HIS B 21 -12.78 -12.62 -23.45
C HIS B 21 -12.14 -12.06 -22.17
N ARG B 22 -10.81 -12.20 -22.04
CA ARG B 22 -10.15 -11.70 -20.83
C ARG B 22 -10.36 -10.18 -20.66
N ILE B 23 -10.34 -9.45 -21.76
CA ILE B 23 -10.56 -8.02 -21.68
C ILE B 23 -11.95 -7.75 -21.13
N LEU B 24 -12.94 -8.43 -21.68
CA LEU B 24 -14.29 -8.25 -21.21
C LEU B 24 -14.47 -8.68 -19.77
N ASN B 25 -13.76 -9.72 -19.33
CA ASN B 25 -13.96 -10.11 -17.94
C ASN B 25 -13.57 -8.97 -17.02
N LEU B 26 -12.54 -8.21 -17.36
CA LEU B 26 -12.18 -7.08 -16.51
C LEU B 26 -13.28 -6.04 -16.53
N VAL B 27 -13.87 -5.81 -17.70
CA VAL B 27 -14.94 -4.83 -17.81
C VAL B 27 -16.09 -5.25 -16.91
N LYS B 28 -16.44 -6.51 -16.97
CA LYS B 28 -17.55 -6.98 -16.18
C LYS B 28 -17.32 -6.71 -14.72
N TYR B 29 -16.12 -6.95 -14.21
CA TYR B 29 -15.90 -6.67 -12.81
C TYR B 29 -16.07 -5.20 -12.46
N ASP B 30 -15.57 -4.29 -13.29
CA ASP B 30 -15.76 -2.89 -12.92
C ASP B 30 -17.23 -2.49 -12.88
N LEU B 31 -18.02 -2.99 -13.82
CA LEU B 31 -19.42 -2.64 -13.81
C LEU B 31 -20.11 -3.31 -12.65
N TYR B 32 -19.71 -4.54 -12.38
CA TYR B 32 -20.31 -5.30 -11.30
C TYR B 32 -20.16 -4.50 -10.04
N SER B 33 -18.96 -3.99 -9.79
CA SER B 33 -18.71 -3.20 -8.60
C SER B 33 -19.66 -2.03 -8.51
N ILE B 34 -19.88 -1.33 -9.61
CA ILE B 34 -20.80 -0.20 -9.58
C ILE B 34 -22.16 -0.61 -9.09
N PHE B 35 -22.65 -1.74 -9.55
CA PHE B 35 -23.97 -2.16 -9.14
C PHE B 35 -24.06 -2.79 -7.76
N LYS B 36 -22.96 -2.89 -7.03
CA LYS B 36 -23.05 -3.46 -5.70
C LYS B 36 -22.85 -2.42 -4.63
N SER B 37 -21.96 -1.47 -4.86
CA SER B 37 -21.70 -0.50 -3.81
C SER B 37 -22.95 0.34 -3.46
N PRO B 38 -23.27 0.50 -2.16
CA PRO B 38 -24.38 1.26 -1.66
C PRO B 38 -24.25 2.71 -2.04
N LEU B 39 -23.03 3.14 -2.35
CA LEU B 39 -22.82 4.50 -2.72
C LEU B 39 -23.54 4.82 -4.01
N THR B 40 -23.56 3.85 -4.93
CA THR B 40 -24.23 4.05 -6.19
C THR B 40 -25.67 4.27 -5.94
N TYR B 41 -26.20 3.43 -5.08
CA TYR B 41 -27.62 3.53 -4.82
C TYR B 41 -27.94 4.86 -4.17
N LEU B 42 -27.08 5.30 -3.26
CA LEU B 42 -27.31 6.57 -2.63
C LEU B 42 -27.34 7.67 -3.66
N ALA B 43 -26.35 7.71 -4.54
CA ALA B 43 -26.27 8.77 -5.52
C ALA B 43 -27.51 8.81 -6.39
N ILE B 44 -28.05 7.65 -6.74
CA ILE B 44 -29.25 7.62 -7.55
C ILE B 44 -30.40 8.24 -6.80
N LEU B 45 -30.56 7.86 -5.54
CA LEU B 45 -31.64 8.40 -4.76
C LEU B 45 -31.52 9.90 -4.62
N VAL B 46 -30.30 10.40 -4.47
CA VAL B 46 -30.12 11.84 -4.35
C VAL B 46 -30.60 12.54 -5.61
N VAL B 47 -30.22 12.03 -6.76
CA VAL B 47 -30.67 12.68 -7.98
C VAL B 47 -32.17 12.63 -8.09
N SER B 48 -32.76 11.48 -7.82
CA SER B 48 -34.19 11.36 -7.93
C SER B 48 -34.87 12.36 -7.01
N SER B 49 -34.40 12.47 -5.78
CA SER B 49 -34.97 13.39 -4.84
C SER B 49 -34.89 14.81 -5.34
N LEU B 50 -33.73 15.23 -5.83
CA LEU B 50 -33.60 16.59 -6.30
C LEU B 50 -34.52 16.90 -7.45
N ILE B 51 -34.67 15.97 -8.38
CA ILE B 51 -35.57 16.23 -9.48
C ILE B 51 -37.00 16.29 -9.02
N ALA B 52 -37.41 15.33 -8.18
CA ALA B 52 -38.76 15.34 -7.71
C ALA B 52 -39.03 16.62 -6.98
N THR B 53 -38.05 17.08 -6.22
CA THR B 53 -38.17 18.29 -5.45
C THR B 53 -38.43 19.46 -6.36
N GLN B 54 -37.68 19.61 -7.43
CA GLN B 54 -37.95 20.77 -8.27
C GLN B 54 -39.34 20.70 -8.89
N SER B 55 -39.74 19.50 -9.33
CA SER B 55 -41.02 19.35 -9.95
C SER B 55 -42.15 19.71 -8.99
N ILE B 56 -42.09 19.12 -7.83
CA ILE B 56 -43.10 19.30 -6.82
C ILE B 56 -43.10 20.68 -6.23
N LEU B 57 -41.95 21.23 -5.88
CA LEU B 57 -42.01 22.52 -5.22
C LEU B 57 -42.41 23.66 -6.07
N MET B 58 -41.83 23.82 -7.25
CA MET B 58 -42.23 25.01 -7.95
C MET B 58 -42.65 24.74 -9.35
N ALA B 59 -42.22 23.67 -9.99
CA ALA B 59 -42.58 23.59 -11.38
C ALA B 59 -44.09 23.60 -11.51
N ASN B 60 -44.77 22.92 -10.59
CA ASN B 60 -46.22 22.86 -10.61
C ASN B 60 -46.91 23.97 -9.81
N SER B 61 -46.15 24.90 -9.22
CA SER B 61 -46.77 25.91 -8.36
C SER B 61 -46.30 27.38 -8.45
N MET B 62 -45.13 27.67 -9.02
CA MET B 62 -44.56 29.03 -8.90
C MET B 62 -45.47 30.14 -9.41
N ASP B 63 -46.06 29.91 -10.57
CA ASP B 63 -46.95 30.88 -11.20
C ASP B 63 -48.40 30.47 -11.03
N ASN B 64 -48.64 29.55 -10.10
CA ASN B 64 -49.96 28.99 -9.90
C ASN B 64 -50.56 28.47 -11.22
N PRO B 65 -49.85 27.61 -11.97
CA PRO B 65 -50.27 27.04 -13.22
C PRO B 65 -51.23 25.95 -12.87
N LYS B 66 -51.95 25.43 -13.84
CA LYS B 66 -52.78 24.27 -13.53
C LYS B 66 -51.93 23.00 -13.59
N HIS B 67 -50.94 22.93 -12.71
CA HIS B 67 -50.00 21.81 -12.58
C HIS B 67 -49.31 21.39 -13.89
N ILE B 68 -48.85 22.36 -14.68
CA ILE B 68 -48.18 22.08 -15.97
C ILE B 68 -46.74 22.48 -15.89
N ILE B 69 -45.84 21.57 -16.27
CA ILE B 69 -44.42 21.87 -16.13
C ILE B 69 -43.60 21.76 -17.40
N VAL B 70 -42.40 22.33 -17.32
CA VAL B 70 -41.44 22.28 -18.40
C VAL B 70 -40.46 21.16 -18.15
N TYR B 71 -40.62 20.08 -18.91
CA TYR B 71 -39.78 18.92 -18.70
C TYR B 71 -38.37 19.27 -19.08
N GLY B 72 -38.22 20.18 -20.04
CA GLY B 72 -36.92 20.63 -20.48
C GLY B 72 -36.07 21.22 -19.33
N SER B 73 -36.70 21.86 -18.34
CA SER B 73 -35.92 22.42 -17.25
C SER B 73 -35.41 21.30 -16.39
N VAL B 74 -36.29 20.33 -16.20
CA VAL B 74 -35.96 19.17 -15.39
C VAL B 74 -34.86 18.38 -16.05
N PHE B 75 -35.01 18.19 -17.35
CA PHE B 75 -34.13 17.43 -18.20
C PHE B 75 -32.73 17.95 -18.07
N ALA B 76 -32.56 19.26 -18.26
CA ALA B 76 -31.23 19.82 -18.16
C ALA B 76 -30.66 19.66 -16.77
N ALA B 77 -31.45 19.87 -15.73
CA ALA B 77 -30.90 19.72 -14.40
C ALA B 77 -30.45 18.29 -14.14
N ALA B 78 -31.25 17.33 -14.56
CA ALA B 78 -30.92 15.95 -14.34
C ALA B 78 -29.65 15.60 -15.04
N LYS B 79 -29.49 16.11 -16.25
CA LYS B 79 -28.28 15.84 -17.00
C LYS B 79 -27.09 16.33 -16.24
N TRP B 80 -27.12 17.58 -15.79
CA TRP B 80 -26.00 18.12 -15.05
C TRP B 80 -25.58 17.21 -13.92
N LEU B 81 -26.54 16.82 -13.11
CA LEU B 81 -26.21 15.99 -11.97
C LEU B 81 -25.67 14.64 -12.34
N LEU B 82 -26.28 14.01 -13.32
CA LEU B 82 -25.81 12.71 -13.71
C LEU B 82 -24.48 12.75 -14.40
N LEU B 83 -24.19 13.77 -15.17
CA LEU B 83 -22.88 13.84 -15.80
C LEU B 83 -21.81 13.98 -14.75
N ILE B 84 -22.03 14.76 -13.71
CA ILE B 84 -21.02 14.86 -12.67
C ILE B 84 -20.84 13.57 -11.94
N ILE B 85 -21.94 12.93 -11.54
CA ILE B 85 -21.81 11.70 -10.80
C ILE B 85 -21.12 10.70 -11.71
N GLY B 86 -21.56 10.62 -12.95
CA GLY B 86 -21.01 9.77 -13.96
C GLY B 86 -19.53 9.99 -14.09
N LEU B 87 -19.09 11.23 -14.22
CA LEU B 87 -17.68 11.48 -14.36
C LEU B 87 -16.93 10.96 -13.16
N MET B 88 -17.46 11.14 -11.96
CA MET B 88 -16.76 10.61 -10.81
C MET B 88 -16.71 9.09 -10.86
N PHE B 89 -17.75 8.44 -11.38
CA PHE B 89 -17.74 6.97 -11.51
C PHE B 89 -16.66 6.58 -12.49
N VAL B 90 -16.55 7.36 -13.55
CA VAL B 90 -15.52 7.13 -14.53
C VAL B 90 -14.16 7.29 -13.91
N VAL B 91 -13.95 8.34 -13.13
CA VAL B 91 -12.65 8.51 -12.53
C VAL B 91 -12.33 7.36 -11.61
N LYS B 92 -13.29 6.91 -10.80
CA LYS B 92 -13.00 5.80 -9.92
C LYS B 92 -12.64 4.56 -10.72
N THR B 93 -13.34 4.33 -11.81
CA THR B 93 -13.05 3.19 -12.65
C THR B 93 -11.61 3.26 -13.15
N ILE B 94 -11.21 4.44 -13.56
CA ILE B 94 -9.86 4.70 -14.02
C ILE B 94 -8.79 4.54 -12.95
N THR B 95 -9.00 5.12 -11.78
CA THR B 95 -7.99 5.11 -10.74
C THR B 95 -7.96 3.92 -9.80
N ARG B 96 -9.00 3.08 -9.78
CA ARG B 96 -9.04 1.92 -8.90
C ARG B 96 -7.77 1.08 -8.83
N ASP B 97 -7.11 0.87 -9.97
CA ASP B 97 -5.94 0.01 -10.00
C ASP B 97 -4.69 0.72 -9.55
N PHE B 98 -4.69 2.04 -9.60
CA PHE B 98 -3.56 2.77 -9.13
C PHE B 98 -3.66 2.83 -7.63
N SER B 99 -4.87 3.03 -7.16
CA SER B 99 -5.19 3.14 -5.74
C SER B 99 -4.83 1.89 -4.97
N GLN B 100 -5.25 0.75 -5.50
CA GLN B 100 -5.00 -0.50 -4.80
C GLN B 100 -3.65 -1.09 -5.19
N GLY B 101 -3.02 -0.49 -6.18
CA GLY B 101 -1.72 -0.90 -6.68
C GLY B 101 -1.77 -2.09 -7.61
N THR B 102 -2.98 -2.58 -7.87
CA THR B 102 -3.23 -3.77 -8.66
C THR B 102 -2.84 -3.63 -10.10
N ILE B 103 -2.60 -2.41 -10.54
CA ILE B 103 -2.14 -2.18 -11.90
C ILE B 103 -0.87 -2.95 -12.22
N GLN B 104 -0.04 -3.20 -11.22
CA GLN B 104 1.21 -3.90 -11.41
C GLN B 104 0.99 -5.32 -11.88
N LEU B 105 -0.18 -5.87 -11.62
CA LEU B 105 -0.51 -7.23 -11.97
C LEU B 105 -1.05 -7.33 -13.37
N TYR B 106 -1.26 -6.20 -14.02
CA TYR B 106 -1.80 -6.21 -15.35
C TYR B 106 -0.74 -5.86 -16.35
N MET B 107 0.03 -4.84 -16.06
CA MET B 107 0.96 -4.40 -17.07
C MET B 107 2.26 -5.16 -17.11
N SER B 108 2.18 -6.38 -17.63
CA SER B 108 3.30 -7.31 -17.72
C SER B 108 3.76 -7.55 -19.15
N LYS B 109 2.92 -7.26 -20.12
CA LYS B 109 3.30 -7.47 -21.51
C LYS B 109 2.46 -6.60 -22.38
N VAL B 110 2.89 -6.38 -23.60
CA VAL B 110 2.12 -5.50 -24.45
C VAL B 110 0.72 -5.96 -24.70
N LYS B 111 0.50 -7.23 -25.00
CA LYS B 111 -0.87 -7.60 -25.30
C LYS B 111 -1.81 -7.25 -24.14
N THR B 112 -1.38 -7.51 -22.91
CA THR B 112 -2.18 -7.21 -21.75
C THR B 112 -2.29 -5.71 -21.54
N ARG B 113 -1.18 -4.98 -21.65
CA ARG B 113 -1.18 -3.53 -21.43
C ARG B 113 -2.18 -2.85 -22.34
N VAL B 114 -2.21 -3.29 -23.57
CA VAL B 114 -3.14 -2.73 -24.52
C VAL B 114 -4.53 -3.14 -24.13
N GLY B 115 -4.73 -4.41 -23.81
CA GLY B 115 -6.04 -4.89 -23.40
C GLY B 115 -6.57 -4.11 -22.21
N TYR B 116 -5.70 -3.72 -21.29
CA TYR B 116 -6.10 -2.93 -20.13
C TYR B 116 -6.75 -1.64 -20.59
N ILE B 117 -6.12 -0.93 -21.52
CA ILE B 117 -6.69 0.31 -22.04
C ILE B 117 -8.00 0.04 -22.72
N ILE B 118 -8.07 -1.02 -23.49
CA ILE B 118 -9.29 -1.34 -24.18
C ILE B 118 -10.40 -1.59 -23.19
N SER B 119 -10.11 -2.37 -22.16
CA SER B 119 -11.11 -2.70 -21.17
C SER B 119 -11.62 -1.45 -20.51
N LYS B 120 -10.73 -0.56 -20.12
CA LYS B 120 -11.20 0.62 -19.45
C LYS B 120 -12.02 1.47 -20.40
N THR B 121 -11.63 1.54 -21.66
CA THR B 121 -12.38 2.33 -22.60
C THR B 121 -13.80 1.80 -22.69
N ILE B 122 -13.94 0.48 -22.75
CA ILE B 122 -15.25 -0.12 -22.82
C ILE B 122 -16.02 0.20 -21.55
N SER B 123 -15.39 0.08 -20.39
CA SER B 123 -16.09 0.39 -19.16
C SER B 123 -16.58 1.82 -19.16
N ILE B 124 -15.79 2.76 -19.67
CA ILE B 124 -16.21 4.14 -19.69
C ILE B 124 -17.46 4.28 -20.53
N ILE B 125 -17.47 3.63 -21.68
CA ILE B 125 -18.64 3.70 -22.53
C ILE B 125 -19.85 3.12 -21.82
N LEU B 126 -19.71 1.98 -21.18
CA LEU B 126 -20.84 1.40 -20.51
C LEU B 126 -21.33 2.24 -19.35
N ILE B 127 -20.42 2.91 -18.64
CA ILE B 127 -20.84 3.78 -17.57
C ILE B 127 -21.67 4.88 -18.17
N SER B 128 -21.21 5.47 -19.26
CA SER B 128 -21.96 6.53 -19.88
C SER B 128 -23.34 6.08 -20.27
N ILE B 129 -23.46 4.87 -20.79
CA ILE B 129 -24.77 4.37 -21.16
C ILE B 129 -25.63 4.25 -19.92
N LEU B 130 -25.08 3.70 -18.84
CA LEU B 130 -25.86 3.57 -17.63
C LEU B 130 -26.39 4.90 -17.16
N PHE B 131 -25.55 5.90 -17.12
CA PHE B 131 -26.01 7.18 -16.66
C PHE B 131 -27.07 7.76 -17.56
N ALA B 132 -26.91 7.60 -18.86
CA ALA B 132 -27.94 8.07 -19.75
C ALA B 132 -29.26 7.34 -19.49
N LEU B 133 -29.20 6.05 -19.21
CA LEU B 133 -30.42 5.31 -18.92
C LEU B 133 -31.07 5.82 -17.66
N ILE B 134 -30.27 6.15 -16.66
CA ILE B 134 -30.83 6.67 -15.44
C ILE B 134 -31.53 7.96 -15.77
N HIS B 135 -30.86 8.83 -16.51
CA HIS B 135 -31.43 10.10 -16.86
C HIS B 135 -32.78 9.92 -17.51
N TYR B 136 -32.84 9.01 -18.47
CA TYR B 136 -34.08 8.73 -19.16
C TYR B 136 -35.15 8.34 -18.18
N VAL B 137 -34.85 7.39 -17.32
CA VAL B 137 -35.86 6.94 -16.38
C VAL B 137 -36.34 8.02 -15.46
N ILE B 138 -35.44 8.83 -14.93
CA ILE B 138 -35.88 9.86 -14.03
C ILE B 138 -36.86 10.76 -14.73
N LEU B 139 -36.54 11.16 -15.95
CA LEU B 139 -37.44 12.04 -16.65
C LEU B 139 -38.74 11.37 -17.05
N ILE B 140 -38.72 10.08 -17.38
CA ILE B 140 -39.97 9.43 -17.72
C ILE B 140 -40.88 9.44 -16.53
N VAL B 141 -40.33 9.20 -15.34
CA VAL B 141 -41.16 9.26 -14.15
C VAL B 141 -41.78 10.63 -14.00
N VAL B 142 -40.99 11.67 -14.21
CA VAL B 142 -41.53 13.02 -14.11
C VAL B 142 -42.66 13.23 -15.09
N GLN B 143 -42.49 12.77 -16.34
CA GLN B 143 -43.53 12.90 -17.33
C GLN B 143 -44.77 12.11 -16.94
N ALA B 144 -44.58 10.93 -16.38
CA ALA B 144 -45.73 10.15 -15.94
C ALA B 144 -46.50 10.89 -14.83
N SER B 145 -45.73 11.50 -13.92
CA SER B 145 -46.25 12.22 -12.77
C SER B 145 -47.08 13.47 -13.04
N SER B 146 -46.63 14.34 -13.96
CA SER B 146 -47.38 15.59 -14.16
C SER B 146 -47.75 15.92 -15.59
N ASN B 147 -48.28 17.14 -15.78
CA ASN B 147 -48.72 17.56 -17.10
C ASN B 147 -47.68 18.38 -17.82
N GLY B 148 -47.76 18.34 -19.14
CA GLY B 148 -46.87 19.08 -20.03
C GLY B 148 -46.70 18.23 -21.27
N LYS B 149 -46.14 18.79 -22.33
CA LYS B 149 -45.94 18.00 -23.52
C LYS B 149 -44.69 17.16 -23.37
N ASN B 150 -44.84 15.85 -23.50
CA ASN B 150 -43.72 14.93 -23.31
C ASN B 150 -42.60 15.24 -24.26
N LEU B 151 -41.37 14.94 -23.85
CA LEU B 151 -40.24 15.22 -24.69
C LEU B 151 -40.08 14.13 -25.74
N ALA B 152 -39.58 14.52 -26.89
CA ALA B 152 -39.38 13.57 -27.95
C ALA B 152 -38.44 12.46 -27.55
N PHE B 153 -38.75 11.25 -27.99
CA PHE B 153 -37.86 10.14 -27.73
C PHE B 153 -36.50 10.46 -28.27
N SER B 154 -36.48 11.01 -29.48
CA SER B 154 -35.24 11.38 -30.15
C SER B 154 -34.43 12.42 -29.38
N LYS B 155 -35.05 13.15 -28.46
CA LYS B 155 -34.34 14.15 -27.70
C LYS B 155 -33.56 13.41 -26.65
N TYR B 156 -34.19 12.40 -26.08
CA TYR B 156 -33.52 11.59 -25.09
C TYR B 156 -32.36 10.86 -25.76
N VAL B 157 -32.56 10.44 -27.00
CA VAL B 157 -31.50 9.74 -27.70
C VAL B 157 -30.35 10.69 -27.92
N ASP B 158 -30.60 11.89 -28.38
CA ASP B 158 -29.49 12.79 -28.56
C ASP B 158 -28.79 13.01 -27.24
N ASN B 159 -29.53 13.06 -26.15
CA ASN B 159 -28.93 13.23 -24.86
C ASN B 159 -27.92 12.11 -24.58
N LEU B 160 -28.22 10.88 -25.03
CA LEU B 160 -27.27 9.78 -24.88
C LEU B 160 -26.01 10.13 -25.58
N TRP B 161 -26.13 10.58 -26.81
CA TRP B 161 -24.93 10.92 -27.54
C TRP B 161 -24.11 11.93 -26.79
N PHE B 162 -24.77 12.93 -26.20
CA PHE B 162 -24.02 13.90 -25.44
C PHE B 162 -23.29 13.19 -24.32
N PHE B 163 -23.98 12.35 -23.55
CA PHE B 163 -23.32 11.66 -22.45
C PHE B 163 -22.12 10.87 -22.92
N LEU B 164 -22.27 10.12 -24.00
CA LEU B 164 -21.18 9.29 -24.45
C LEU B 164 -19.98 10.09 -24.77
N ILE B 165 -20.17 11.18 -25.49
CA ILE B 165 -19.08 12.01 -25.89
C ILE B 165 -18.46 12.72 -24.72
N PHE B 166 -19.28 13.34 -23.89
CA PHE B 166 -18.76 14.09 -22.76
C PHE B 166 -17.91 13.23 -21.88
N LEU B 167 -18.48 12.13 -21.43
CA LEU B 167 -17.76 11.29 -20.53
C LEU B 167 -16.60 10.58 -21.17
N LEU B 168 -16.70 10.16 -22.42
CA LEU B 168 -15.57 9.49 -22.99
C LEU B 168 -14.43 10.46 -23.16
N PHE B 169 -14.71 11.68 -23.61
CA PHE B 169 -13.67 12.68 -23.76
C PHE B 169 -12.94 12.90 -22.46
N PHE B 170 -13.69 13.19 -21.42
CA PHE B 170 -13.03 13.46 -20.16
C PHE B 170 -12.38 12.23 -19.60
N GLY B 171 -13.03 11.10 -19.72
CA GLY B 171 -12.51 9.87 -19.21
C GLY B 171 -11.16 9.56 -19.79
N LEU B 172 -11.06 9.50 -21.11
CA LEU B 172 -9.78 9.16 -21.73
C LEU B 172 -8.74 10.20 -21.42
N PHE B 173 -9.11 11.47 -21.40
CA PHE B 173 -8.15 12.51 -21.07
C PHE B 173 -7.57 12.27 -19.69
N LEU B 174 -8.45 12.09 -18.72
CA LEU B 174 -8.02 11.88 -17.36
C LEU B 174 -7.26 10.58 -17.22
N PHE B 175 -7.64 9.55 -17.97
CA PHE B 175 -6.96 8.29 -17.96
C PHE B 175 -5.51 8.51 -18.33
N LEU B 176 -5.29 9.23 -19.43
CA LEU B 176 -3.93 9.50 -19.88
C LEU B 176 -3.15 10.19 -18.79
N ILE B 177 -3.77 11.17 -18.12
CA ILE B 177 -3.08 11.85 -17.04
C ILE B 177 -2.77 10.89 -15.92
N THR B 178 -3.74 10.06 -15.58
CA THR B 178 -3.57 9.11 -14.50
C THR B 178 -2.34 8.28 -14.77
N LEU B 179 -2.22 7.77 -15.99
CA LEU B 179 -1.08 6.95 -16.36
C LEU B 179 0.22 7.73 -16.43
N ALA B 180 0.13 8.99 -16.85
CA ALA B 180 1.30 9.83 -16.93
C ALA B 180 1.89 10.11 -15.56
N SER B 181 1.05 10.40 -14.57
CA SER B 181 1.52 10.77 -13.25
C SER B 181 1.49 9.67 -12.21
N GLN B 182 0.65 8.66 -12.41
CA GLN B 182 0.45 7.56 -11.47
C GLN B 182 -0.01 8.05 -10.11
N LYS B 183 -0.92 9.01 -10.13
CA LYS B 183 -1.52 9.61 -8.94
C LYS B 183 -3.00 9.52 -9.09
N THR B 184 -3.75 9.39 -7.99
CA THR B 184 -5.19 9.34 -8.13
C THR B 184 -5.89 10.56 -7.57
N ALA B 185 -5.29 11.21 -6.59
CA ALA B 185 -5.94 12.34 -5.94
C ALA B 185 -6.20 13.45 -6.92
N MET B 186 -5.28 13.62 -7.85
CA MET B 186 -5.38 14.71 -8.78
C MET B 186 -6.22 14.41 -9.97
N ILE B 187 -6.76 13.22 -10.04
CA ILE B 187 -7.58 12.89 -11.17
C ILE B 187 -8.96 13.27 -10.75
N PHE B 188 -9.32 12.92 -9.52
CA PHE B 188 -10.62 13.30 -9.04
C PHE B 188 -10.70 14.81 -8.99
N SER B 189 -9.61 15.45 -8.54
CA SER B 189 -9.57 16.88 -8.48
C SER B 189 -9.78 17.49 -9.85
N LEU B 190 -9.07 17.02 -10.88
CA LEU B 190 -9.29 17.59 -12.20
C LEU B 190 -10.68 17.35 -12.70
N GLY B 191 -11.24 16.18 -12.48
CA GLY B 191 -12.57 15.95 -12.99
C GLY B 191 -13.50 17.05 -12.50
N VAL B 192 -13.50 17.26 -11.19
CA VAL B 192 -14.37 18.26 -10.61
C VAL B 192 -14.01 19.65 -11.05
N PHE B 193 -12.74 19.98 -10.98
CA PHE B 193 -12.26 21.29 -11.32
C PHE B 193 -12.68 21.69 -12.69
N LEU B 194 -12.42 20.85 -13.66
CA LEU B 194 -12.71 21.24 -15.01
C LEU B 194 -14.21 21.49 -15.18
N VAL B 195 -15.03 20.62 -14.63
CA VAL B 195 -16.45 20.81 -14.78
C VAL B 195 -16.97 22.08 -14.18
N LEU B 196 -16.53 22.40 -13.01
CA LEU B 196 -17.04 23.60 -12.40
C LEU B 196 -16.26 24.86 -12.70
N ILE B 197 -15.26 24.82 -13.58
CA ILE B 197 -14.52 26.04 -13.79
C ILE B 197 -15.05 26.75 -15.01
N VAL B 198 -15.32 26.03 -16.08
CA VAL B 198 -15.80 26.72 -17.27
C VAL B 198 -16.96 27.70 -17.01
N PRO B 199 -18.11 27.28 -16.44
CA PRO B 199 -19.25 28.13 -16.16
C PRO B 199 -18.98 29.22 -15.14
N PHE B 200 -17.90 29.08 -14.38
CA PHE B 200 -17.54 30.07 -13.41
C PHE B 200 -16.79 31.18 -14.07
N ILE B 201 -15.77 30.79 -14.81
CA ILE B 201 -14.89 31.77 -15.37
C ILE B 201 -15.51 32.54 -16.53
N LYS B 202 -16.29 31.89 -17.40
CA LYS B 202 -16.85 32.64 -18.51
C LYS B 202 -17.37 34.04 -18.14
N PRO B 203 -18.44 34.19 -17.36
CA PRO B 203 -19.03 35.46 -16.99
C PRO B 203 -18.21 36.26 -16.00
N PHE B 204 -17.14 35.69 -15.47
CA PHE B 204 -16.37 36.42 -14.48
C PHE B 204 -15.46 37.36 -15.21
N ILE B 205 -14.71 36.84 -16.19
CA ILE B 205 -13.79 37.74 -16.89
C ILE B 205 -13.79 37.71 -18.42
N THR B 206 -14.60 36.91 -19.08
CA THR B 206 -14.46 36.81 -20.54
C THR B 206 -14.67 38.13 -21.21
N PHE B 207 -15.63 38.89 -20.74
CA PHE B 207 -16.00 40.17 -21.28
C PHE B 207 -15.00 41.30 -21.02
N ILE B 208 -14.06 41.10 -20.10
CA ILE B 208 -13.14 42.14 -19.72
C ILE B 208 -12.05 42.57 -20.74
N PRO B 209 -11.27 41.66 -21.36
CA PRO B 209 -10.22 41.97 -22.33
C PRO B 209 -10.75 42.47 -23.66
N ARG B 210 -9.90 43.18 -24.41
CA ARG B 210 -10.25 43.60 -25.78
C ARG B 210 -10.42 42.42 -26.71
N TYR B 211 -9.95 41.28 -26.26
CA TYR B 211 -10.03 40.05 -26.98
C TYR B 211 -11.21 39.24 -26.46
N GLY B 212 -12.05 39.83 -25.63
CA GLY B 212 -13.17 39.14 -25.04
C GLY B 212 -13.99 38.38 -26.06
N GLU B 213 -14.42 39.05 -27.12
CA GLU B 213 -15.21 38.37 -28.13
C GLU B 213 -14.42 37.26 -28.80
N LYS B 214 -13.15 37.52 -29.07
CA LYS B 214 -12.29 36.54 -29.69
C LYS B 214 -12.22 35.27 -28.83
N VAL B 215 -12.01 35.47 -27.53
CA VAL B 215 -11.92 34.38 -26.57
C VAL B 215 -13.21 33.63 -26.47
N LEU B 216 -14.30 34.35 -26.38
CA LEU B 216 -15.55 33.69 -26.25
C LEU B 216 -15.80 32.83 -27.48
N ASP B 217 -15.57 33.37 -28.69
CA ASP B 217 -15.79 32.59 -29.89
C ASP B 217 -14.89 31.38 -29.90
N ALA B 218 -13.66 31.54 -29.41
CA ALA B 218 -12.68 30.48 -29.38
C ALA B 218 -13.19 29.29 -28.59
N PHE B 219 -14.02 29.52 -27.59
CA PHE B 219 -14.49 28.41 -26.79
C PHE B 219 -15.25 27.41 -27.60
N ASP B 220 -15.89 27.81 -28.70
CA ASP B 220 -16.63 26.86 -29.51
C ASP B 220 -15.75 25.81 -30.14
N TYR B 221 -14.44 26.04 -30.15
CA TYR B 221 -13.53 25.10 -30.76
C TYR B 221 -12.68 24.39 -29.71
N ILE B 222 -13.00 24.60 -28.43
CA ILE B 222 -12.27 23.98 -27.35
C ILE B 222 -13.19 23.07 -26.57
N PRO B 223 -13.10 21.75 -26.72
CA PRO B 223 -13.96 20.77 -26.08
C PRO B 223 -14.12 20.98 -24.61
N PHE B 224 -13.09 21.41 -23.91
CA PHE B 224 -13.31 21.59 -22.51
C PHE B 224 -14.39 22.62 -22.27
N ALA B 225 -14.35 23.69 -23.05
CA ALA B 225 -15.26 24.77 -22.84
C ALA B 225 -16.63 24.44 -23.37
N TYR B 226 -16.70 23.91 -24.57
CA TYR B 226 -18.04 23.72 -25.06
C TYR B 226 -18.72 22.50 -24.49
N LEU B 227 -17.97 21.47 -24.12
CA LEU B 227 -18.61 20.31 -23.57
C LEU B 227 -19.06 20.63 -22.17
N THR B 228 -18.28 21.41 -21.43
CA THR B 228 -18.72 21.72 -20.09
C THR B 228 -19.94 22.63 -20.17
N ASP B 229 -19.92 23.63 -21.03
CA ASP B 229 -21.04 24.55 -21.10
C ASP B 229 -22.37 23.86 -21.44
N LYS B 230 -22.33 22.87 -22.31
CA LYS B 230 -23.55 22.22 -22.71
C LYS B 230 -24.13 21.29 -21.66
N MET B 231 -23.44 21.12 -20.54
CA MET B 231 -23.91 20.25 -19.49
C MET B 231 -25.21 20.74 -18.90
N ILE B 232 -25.48 22.04 -19.01
CA ILE B 232 -26.72 22.54 -18.43
C ILE B 232 -27.69 23.01 -19.48
N SER B 233 -27.50 22.58 -20.71
CA SER B 233 -28.44 22.94 -21.74
C SER B 233 -29.56 21.95 -21.85
N SER B 234 -30.74 22.45 -22.20
CA SER B 234 -31.90 21.62 -22.43
C SER B 234 -31.85 20.86 -23.74
N ASN B 235 -30.92 21.25 -24.60
CA ASN B 235 -30.75 20.63 -25.89
C ASN B 235 -29.36 20.91 -26.42
N PHE B 236 -29.05 20.38 -27.58
CA PHE B 236 -27.79 20.73 -28.20
C PHE B 236 -27.83 20.51 -29.68
N ASP B 237 -26.89 21.12 -30.35
CA ASP B 237 -26.69 20.96 -31.76
C ASP B 237 -25.25 21.33 -32.01
N PHE B 238 -24.40 20.34 -32.24
CA PHE B 238 -22.98 20.65 -32.39
C PHE B 238 -22.74 21.16 -33.79
N SER B 239 -21.90 22.17 -33.93
CA SER B 239 -21.59 22.64 -35.27
C SER B 239 -20.74 21.59 -35.93
N ASN B 240 -20.60 21.64 -37.25
CA ASN B 240 -19.80 20.60 -37.86
C ASN B 240 -18.39 20.58 -37.31
N TRP B 241 -17.83 21.75 -37.05
CA TRP B 241 -16.50 21.74 -36.52
C TRP B 241 -16.49 21.22 -35.12
N GLN B 242 -17.41 21.70 -34.32
CA GLN B 242 -17.44 21.36 -32.93
C GLN B 242 -17.59 19.86 -32.73
N TRP B 243 -18.43 19.26 -33.56
CA TRP B 243 -18.70 17.83 -33.55
C TRP B 243 -17.43 17.07 -33.86
N VAL B 244 -16.77 17.45 -34.95
CA VAL B 244 -15.55 16.81 -35.37
C VAL B 244 -14.42 16.97 -34.39
N ILE B 245 -14.25 18.16 -33.84
CA ILE B 245 -13.19 18.42 -32.92
C ILE B 245 -13.32 17.52 -31.71
N SER B 246 -14.51 17.43 -31.16
CA SER B 246 -14.72 16.60 -30.00
C SER B 246 -14.39 15.15 -30.29
N LEU B 247 -14.93 14.64 -31.39
CA LEU B 247 -14.69 13.25 -31.70
C LEU B 247 -13.23 12.98 -32.02
N GLY B 248 -12.60 13.91 -32.71
CA GLY B 248 -11.20 13.76 -33.04
C GLY B 248 -10.37 13.71 -31.78
N SER B 249 -10.74 14.54 -30.80
CA SER B 249 -10.03 14.57 -29.53
C SER B 249 -10.16 13.22 -28.84
N ILE B 250 -11.34 12.62 -28.89
CA ILE B 250 -11.49 11.30 -28.28
C ILE B 250 -10.59 10.30 -28.94
N VAL B 251 -10.55 10.30 -30.26
CA VAL B 251 -9.71 9.36 -30.94
C VAL B 251 -8.25 9.54 -30.59
N ILE B 252 -7.75 10.77 -30.59
CA ILE B 252 -6.35 10.89 -30.29
C ILE B 252 -6.05 10.49 -28.86
N PHE B 253 -6.92 10.77 -27.91
CA PHE B 253 -6.60 10.37 -26.56
C PHE B 253 -6.50 8.87 -26.47
N PHE B 254 -7.42 8.17 -27.13
CA PHE B 254 -7.39 6.72 -27.12
C PHE B 254 -6.06 6.22 -27.65
N ILE B 255 -5.63 6.78 -28.77
CA ILE B 255 -4.36 6.38 -29.36
C ILE B 255 -3.21 6.63 -28.42
N LEU B 256 -3.17 7.81 -27.83
CA LEU B 256 -2.09 8.12 -26.94
C LEU B 256 -2.06 7.19 -25.77
N ASN B 257 -3.23 6.82 -25.23
CA ASN B 257 -3.23 5.93 -24.10
C ASN B 257 -2.55 4.63 -24.46
N ILE B 258 -2.80 4.14 -25.66
CA ILE B 258 -2.16 2.91 -26.08
C ILE B 258 -0.67 3.08 -26.24
N LEU B 259 -0.27 4.12 -26.92
CA LEU B 259 1.15 4.27 -27.16
C LEU B 259 1.90 4.43 -25.86
N TYR B 260 1.33 5.15 -24.94
CA TYR B 260 1.95 5.38 -23.66
C TYR B 260 2.02 4.12 -22.81
N VAL B 261 0.91 3.39 -22.68
CA VAL B 261 0.91 2.24 -21.79
C VAL B 261 1.92 1.21 -22.25
N ALA B 262 2.10 1.11 -23.55
CA ALA B 262 3.03 0.17 -24.14
C ALA B 262 4.48 0.44 -23.74
N LYS B 263 4.79 1.66 -23.31
CA LYS B 263 6.15 2.01 -22.97
C LYS B 263 6.42 2.32 -21.51
N LYS B 264 5.39 2.64 -20.74
CA LYS B 264 5.61 3.06 -19.37
C LYS B 264 5.87 1.95 -18.36
N ASP B 265 7.04 2.00 -17.73
CA ASP B 265 7.42 1.02 -16.71
C ASP B 265 6.47 1.07 -15.52
N ILE B 266 6.11 -0.10 -14.97
CA ILE B 266 5.20 -0.16 -13.84
C ILE B 266 5.84 -0.88 -12.65
N MET C 1 5.61 -0.37 31.23
CA MET C 1 4.81 -0.99 30.18
C MET C 1 4.20 -2.28 30.66
N LYS C 2 2.99 -2.19 31.20
CA LYS C 2 2.33 -3.41 31.66
C LYS C 2 0.96 -3.54 31.06
N LEU C 3 0.58 -4.78 30.76
CA LEU C 3 -0.75 -5.03 30.26
C LEU C 3 -1.55 -5.86 31.23
N GLU C 4 -2.71 -5.35 31.62
CA GLU C 4 -3.56 -6.07 32.53
C GLU C 4 -4.94 -6.36 31.96
N HIS C 5 -5.25 -7.65 31.89
CA HIS C 5 -6.55 -8.10 31.43
C HIS C 5 -6.96 -7.51 30.09
N ILE C 6 -6.08 -7.50 29.12
CA ILE C 6 -6.45 -6.89 27.85
C ILE C 6 -7.33 -7.81 27.03
N THR C 7 -8.44 -7.27 26.53
CA THR C 7 -9.34 -8.07 25.71
C THR C 7 -9.69 -7.28 24.47
N LYS C 8 -9.56 -7.90 23.32
CA LYS C 8 -9.84 -7.16 22.11
C LYS C 8 -10.45 -8.05 21.08
N LYS C 9 -11.55 -7.60 20.53
CA LYS C 9 -12.23 -8.34 19.50
C LYS C 9 -12.65 -7.47 18.35
N TYR C 10 -12.73 -8.08 17.19
CA TYR C 10 -13.26 -7.46 16.01
C TYR C 10 -14.58 -8.11 15.69
N GLY C 11 -15.65 -7.47 16.08
CA GLY C 11 -16.95 -8.11 15.96
C GLY C 11 -16.92 -9.34 16.84
N SER C 12 -17.22 -10.48 16.25
CA SER C 12 -17.25 -11.74 16.98
C SER C 12 -15.86 -12.37 17.13
N ASN C 13 -14.85 -11.83 16.45
CA ASN C 13 -13.54 -12.42 16.48
C ASN C 13 -12.69 -11.97 17.64
N VAL C 14 -12.56 -12.79 18.65
CA VAL C 14 -11.78 -12.37 19.78
C VAL C 14 -10.34 -12.64 19.47
N VAL C 15 -9.52 -11.64 19.60
CA VAL C 15 -8.12 -11.78 19.31
C VAL C 15 -7.37 -11.91 20.59
N LEU C 16 -7.58 -10.98 21.50
CA LEU C 16 -6.91 -11.09 22.78
C LEU C 16 -7.96 -11.37 23.81
N ASN C 17 -7.66 -12.20 24.80
CA ASN C 17 -8.64 -12.53 25.81
C ASN C 17 -8.06 -12.61 27.20
N ASP C 18 -8.28 -11.56 28.00
CA ASP C 18 -7.72 -11.48 29.34
C ASP C 18 -6.23 -11.73 29.29
N ILE C 19 -5.52 -11.06 28.40
CA ILE C 19 -4.10 -11.33 28.30
C ILE C 19 -3.27 -10.38 29.15
N ASP C 20 -2.35 -10.94 29.93
CA ASP C 20 -1.48 -10.14 30.77
C ASP C 20 -0.07 -10.13 30.19
N PHE C 21 0.69 -9.07 30.46
CA PHE C 21 2.09 -9.00 30.02
C PHE C 21 2.98 -8.09 30.84
N ASP C 22 4.22 -8.51 31.07
CA ASP C 22 5.20 -7.63 31.68
C ASP C 22 6.64 -8.03 31.32
N PHE C 23 7.58 -7.23 31.78
CA PHE C 23 9.01 -7.45 31.66
C PHE C 23 9.56 -7.75 33.04
N GLY C 24 9.77 -9.02 33.34
CA GLY C 24 10.23 -9.45 34.66
C GLY C 24 11.73 -9.23 34.83
N ASP C 25 12.12 -7.95 34.77
CA ASP C 25 13.50 -7.46 34.82
C ASP C 25 14.31 -7.91 33.61
N SER C 26 13.61 -8.44 32.62
CA SER C 26 14.19 -8.87 31.38
C SER C 26 14.38 -7.67 30.48
N ARG C 27 15.16 -7.81 29.42
CA ARG C 27 15.34 -6.70 28.51
C ARG C 27 14.82 -7.05 27.16
N ILE C 28 15.11 -8.23 26.69
CA ILE C 28 14.69 -8.55 25.34
C ILE C 28 13.65 -9.66 25.32
N VAL C 29 12.44 -9.30 24.97
CA VAL C 29 11.38 -10.27 25.01
C VAL C 29 10.92 -10.58 23.61
N GLY C 30 11.00 -11.83 23.22
CA GLY C 30 10.53 -12.19 21.91
C GLY C 30 9.06 -12.59 21.99
N LEU C 31 8.34 -12.39 20.91
CA LEU C 31 6.96 -12.82 20.81
C LEU C 31 6.76 -13.70 19.60
N ILE C 32 6.30 -14.91 19.89
CA ILE C 32 6.15 -15.96 18.94
C ILE C 32 4.72 -16.46 18.87
N GLY C 33 4.26 -16.74 17.67
CA GLY C 33 2.92 -17.28 17.48
C GLY C 33 2.66 -17.42 16.01
N LYS C 34 1.54 -18.03 15.65
CA LYS C 34 1.16 -18.26 14.25
C LYS C 34 0.52 -17.05 13.63
N ASN C 35 0.49 -17.01 12.31
CA ASN C 35 -0.17 -15.87 11.71
C ASN C 35 -1.67 -15.94 11.87
N GLY C 36 -2.21 -14.92 12.52
CA GLY C 36 -3.62 -14.77 12.82
C GLY C 36 -3.87 -14.77 14.33
N VAL C 37 -2.80 -15.00 15.10
CA VAL C 37 -2.92 -15.02 16.54
C VAL C 37 -3.08 -13.64 17.18
N GLY C 38 -2.50 -12.61 16.60
CA GLY C 38 -2.64 -11.29 17.22
C GLY C 38 -1.39 -10.58 17.70
N LYS C 39 -0.20 -11.01 17.28
CA LYS C 39 1.01 -10.32 17.70
C LYS C 39 0.98 -8.81 17.42
N THR C 40 0.58 -8.42 16.19
CA THR C 40 0.53 -6.99 15.87
C THR C 40 -0.45 -6.30 16.80
N THR C 41 -1.61 -6.91 17.02
CA THR C 41 -2.64 -6.34 17.86
C THR C 41 -2.08 -6.02 19.22
N VAL C 42 -1.32 -6.95 19.80
CA VAL C 42 -0.75 -6.69 21.11
C VAL C 42 0.13 -5.48 21.06
N MET C 43 0.98 -5.42 20.06
CA MET C 43 1.89 -4.32 19.92
C MET C 43 1.17 -3.01 19.72
N LYS C 44 0.11 -2.98 18.92
CA LYS C 44 -0.64 -1.77 18.73
C LYS C 44 -1.25 -1.30 20.03
N VAL C 45 -1.73 -2.22 20.85
CA VAL C 45 -2.29 -1.81 22.13
C VAL C 45 -1.21 -1.16 22.95
N MET C 46 -0.04 -1.77 23.01
CA MET C 46 1.05 -1.16 23.76
C MET C 46 1.47 0.19 23.20
N ASN C 47 1.56 0.28 21.88
CA ASN C 47 1.98 1.53 21.26
C ASN C 47 0.99 2.60 21.57
N GLY C 48 -0.29 2.20 21.57
CA GLY C 48 -1.41 3.08 21.81
C GLY C 48 -2.13 3.50 20.53
N ASN C 49 -2.08 2.64 19.52
CA ASN C 49 -2.75 2.89 18.25
C ASN C 49 -4.17 2.36 18.28
N ILE C 50 -4.54 1.77 19.40
CA ILE C 50 -5.85 1.19 19.70
C ILE C 50 -6.34 1.76 21.01
N ILE C 51 -7.58 2.22 21.07
CA ILE C 51 -8.10 2.73 22.32
C ILE C 51 -9.36 1.99 22.76
N LYS C 52 -9.64 0.88 22.12
CA LYS C 52 -10.82 0.08 22.40
C LYS C 52 -10.50 -1.32 22.91
N PHE C 53 -9.46 -1.44 23.71
CA PHE C 53 -8.99 -2.73 24.19
C PHE C 53 -9.57 -3.27 25.50
N ASP C 54 -10.55 -2.58 26.07
CA ASP C 54 -11.22 -3.05 27.27
C ASP C 54 -10.29 -3.63 28.33
N GLY C 55 -9.41 -2.82 28.90
CA GLY C 55 -8.46 -3.32 29.87
C GLY C 55 -7.53 -2.22 30.27
N LYS C 56 -6.47 -2.53 31.00
CA LYS C 56 -5.57 -1.47 31.42
C LYS C 56 -4.21 -1.56 30.79
N VAL C 57 -3.82 -0.47 30.18
CA VAL C 57 -2.49 -0.38 29.60
C VAL C 57 -1.74 0.62 30.44
N ASP C 58 -0.77 0.12 31.18
CA ASP C 58 -0.05 0.91 32.14
C ASP C 58 1.22 1.50 31.55
N ILE C 59 1.16 2.75 31.14
CA ILE C 59 2.32 3.39 30.55
C ILE C 59 2.63 4.70 31.20
N ASP C 60 3.86 4.86 31.65
CA ASP C 60 4.21 6.14 32.19
C ASP C 60 4.43 6.98 30.98
N ASN C 61 3.56 7.93 30.75
CA ASN C 61 3.58 8.71 29.54
C ASN C 61 4.77 9.64 29.47
N ALA C 62 5.50 9.74 30.58
CA ALA C 62 6.74 10.47 30.63
C ALA C 62 7.75 9.87 29.65
N ASP C 63 7.64 8.56 29.41
CA ASP C 63 8.56 7.82 28.57
C ASP C 63 8.19 7.79 27.10
N ASN C 64 9.20 7.61 26.27
CA ASN C 64 8.99 7.45 24.85
C ASN C 64 8.97 5.99 24.42
N ILE C 65 8.08 5.71 23.46
CA ILE C 65 7.96 4.42 22.85
C ILE C 65 8.19 4.54 21.36
N GLY C 66 9.15 3.78 20.86
CA GLY C 66 9.48 3.78 19.44
C GLY C 66 8.89 2.53 18.87
N PHE C 67 8.51 2.54 17.62
CA PHE C 67 7.97 1.31 17.09
C PHE C 67 7.94 1.17 15.61
N LEU C 68 7.75 -0.06 15.14
CA LEU C 68 7.58 -0.28 13.68
C LEU C 68 6.50 -1.36 13.52
N ILE C 69 5.39 -1.03 12.87
CA ILE C 69 4.28 -2.02 12.76
C ILE C 69 4.00 -2.29 11.28
N GLU C 70 3.91 -3.56 10.89
CA GLU C 70 3.62 -3.97 9.49
C GLU C 70 4.66 -3.39 8.54
N HIS C 71 4.21 -2.84 7.40
CA HIS C 71 5.15 -2.30 6.37
C HIS C 71 5.77 -1.00 6.86
N PRO C 72 7.00 -0.64 6.42
CA PRO C 72 7.66 0.56 6.92
C PRO C 72 6.92 1.85 6.54
N LYS C 73 6.96 2.86 7.41
CA LYS C 73 6.28 4.16 7.15
C LYS C 73 7.33 5.23 6.92
N LEU C 74 7.42 5.83 5.72
CA LEU C 74 8.45 6.77 5.39
C LEU C 74 7.87 7.82 4.46
N TYR C 75 8.51 8.98 4.35
CA TYR C 75 8.03 9.92 3.36
C TYR C 75 8.78 9.63 2.06
N ASP C 76 8.07 9.09 1.07
CA ASP C 76 8.63 8.58 -0.19
C ASP C 76 9.43 9.54 -1.05
N ASN C 77 9.09 10.81 -1.06
CA ASN C 77 9.79 11.72 -1.93
C ASN C 77 10.92 12.44 -1.26
N LYS C 78 11.29 11.96 -0.09
CA LYS C 78 12.37 12.54 0.66
C LYS C 78 13.48 11.54 0.83
N SER C 79 14.67 12.02 1.16
CA SER C 79 15.77 11.12 1.40
C SER C 79 15.64 10.34 2.69
N GLY C 80 16.41 9.28 2.77
CA GLY C 80 16.47 8.50 3.99
C GLY C 80 16.92 9.37 5.14
N LEU C 81 18.00 10.09 4.92
CA LEU C 81 18.53 10.97 5.93
C LEU C 81 17.50 11.99 6.37
N TYR C 82 16.74 12.53 5.42
CA TYR C 82 15.70 13.49 5.74
C TYR C 82 14.76 12.89 6.75
N ASN C 83 14.28 11.67 6.48
CA ASN C 83 13.35 11.05 7.39
C ASN C 83 13.95 10.89 8.76
N LEU C 84 15.22 10.51 8.85
CA LEU C 84 15.77 10.36 10.17
C LEU C 84 15.81 11.67 10.91
N LYS C 85 16.19 12.74 10.22
CA LYS C 85 16.23 14.02 10.89
C LYS C 85 14.86 14.45 11.33
N LEU C 86 13.88 14.27 10.46
CA LEU C 86 12.54 14.69 10.78
C LEU C 86 12.03 13.98 11.99
N PHE C 87 12.13 12.67 12.01
CA PHE C 87 11.54 12.00 13.11
C PHE C 87 12.27 12.30 14.39
N ALA C 88 13.58 12.45 14.33
CA ALA C 88 14.30 12.76 15.55
C ALA C 88 13.82 14.08 16.14
N GLN C 89 13.57 15.05 15.29
CA GLN C 89 13.10 16.36 15.73
C GLN C 89 11.64 16.36 16.13
N VAL C 90 10.84 15.58 15.42
CA VAL C 90 9.40 15.51 15.59
C VAL C 90 8.87 14.56 16.67
N LEU C 91 9.30 13.33 16.67
CA LEU C 91 8.80 12.37 17.65
C LEU C 91 9.80 12.20 18.77
N GLY C 92 11.07 12.40 18.45
CA GLY C 92 12.15 12.23 19.40
C GLY C 92 12.41 13.51 20.18
N LYS C 93 13.59 13.59 20.79
CA LYS C 93 13.93 14.77 21.59
C LYS C 93 14.58 15.84 20.74
N GLY C 94 15.32 15.40 19.75
CA GLY C 94 16.07 16.24 18.85
C GLY C 94 16.97 15.37 18.02
N PHE C 95 17.58 15.93 16.99
CA PHE C 95 18.47 15.17 16.15
C PHE C 95 19.89 15.10 16.65
N ASP C 96 20.27 13.90 17.04
CA ASP C 96 21.59 13.58 17.57
C ASP C 96 22.45 13.03 16.45
N LYS C 97 23.34 13.85 15.91
CA LYS C 97 24.11 13.43 14.76
C LYS C 97 24.95 12.21 15.04
N ALA C 98 25.65 12.19 16.17
CA ALA C 98 26.51 11.05 16.44
C ALA C 98 25.72 9.77 16.57
N TYR C 99 24.60 9.84 17.24
CA TYR C 99 23.75 8.68 17.44
C TYR C 99 23.30 8.16 16.09
N THR C 100 22.84 9.09 15.26
CA THR C 100 22.32 8.76 13.97
C THR C 100 23.39 8.05 13.17
N ASP C 101 24.60 8.61 13.14
CA ASP C 101 25.67 8.01 12.38
C ASP C 101 25.98 6.62 12.86
N LYS C 102 26.02 6.41 14.18
CA LYS C 102 26.35 5.07 14.61
C LYS C 102 25.37 4.07 14.03
N ILE C 103 24.09 4.41 14.04
CA ILE C 103 23.10 3.51 13.49
C ILE C 103 23.25 3.34 11.99
N ILE C 104 23.44 4.42 11.26
CA ILE C 104 23.56 4.32 9.82
C ILE C 104 24.71 3.43 9.41
N ASP C 105 25.86 3.62 10.03
CA ASP C 105 27.00 2.84 9.58
C ASP C 105 26.94 1.45 10.16
N ALA C 106 26.40 1.28 11.36
CA ALA C 106 26.27 -0.05 11.91
C ALA C 106 25.35 -0.89 11.03
N PHE C 107 24.27 -0.28 10.53
CA PHE C 107 23.34 -0.99 9.66
C PHE C 107 23.93 -1.12 8.28
N GLY C 108 24.80 -0.18 7.92
CA GLY C 108 25.45 -0.18 6.63
C GLY C 108 24.58 0.40 5.55
N MET C 109 23.72 1.35 5.92
CA MET C 109 22.83 1.93 4.94
C MET C 109 23.44 3.16 4.30
N ARG C 110 24.61 3.55 4.78
CA ARG C 110 25.30 4.75 4.35
C ARG C 110 25.26 5.05 2.85
N PRO C 111 25.58 4.12 1.93
CA PRO C 111 25.67 4.37 0.51
C PRO C 111 24.40 4.89 -0.13
N TYR C 112 23.26 4.70 0.50
CA TYR C 112 22.02 5.17 -0.09
C TYR C 112 21.23 6.07 0.83
N ILE C 113 21.83 6.49 1.93
CA ILE C 113 21.07 7.30 2.88
C ILE C 113 20.64 8.63 2.29
N LYS C 114 21.38 9.17 1.35
CA LYS C 114 20.99 10.44 0.77
C LYS C 114 20.08 10.30 -0.43
N LYS C 115 19.69 9.08 -0.78
CA LYS C 115 18.82 8.92 -1.92
C LYS C 115 17.39 8.94 -1.42
N LYS C 116 16.47 9.30 -2.32
CA LYS C 116 15.05 9.32 -2.03
C LYS C 116 14.51 7.96 -1.70
N VAL C 117 13.64 7.90 -0.72
CA VAL C 117 13.05 6.67 -0.26
C VAL C 117 12.31 5.92 -1.34
N LYS C 118 11.58 6.58 -2.20
CA LYS C 118 10.90 5.84 -3.25
C LYS C 118 11.83 5.00 -4.12
N LYS C 119 13.14 5.28 -4.10
CA LYS C 119 14.13 4.57 -4.89
C LYS C 119 14.72 3.41 -4.09
N TYR C 120 14.26 3.23 -2.86
CA TYR C 120 14.75 2.19 -1.98
C TYR C 120 14.08 0.88 -2.24
N SER C 121 14.81 -0.18 -1.99
CA SER C 121 14.26 -1.52 -2.04
C SER C 121 13.50 -1.80 -0.76
N MET C 122 12.73 -2.87 -0.72
CA MET C 122 12.00 -3.22 0.50
C MET C 122 12.95 -3.40 1.69
N GLY C 123 14.06 -4.08 1.47
CA GLY C 123 15.05 -4.30 2.49
C GLY C 123 15.58 -3.00 3.02
N MET C 124 15.97 -2.10 2.10
CA MET C 124 16.50 -0.83 2.51
C MET C 124 15.49 -0.07 3.34
N LYS C 125 14.22 -0.11 2.93
CA LYS C 125 13.22 0.60 3.69
C LYS C 125 13.16 0.07 5.10
N GLN C 126 13.23 -1.25 5.28
CA GLN C 126 13.18 -1.75 6.63
C GLN C 126 14.39 -1.32 7.43
N LYS C 127 15.59 -1.35 6.85
CA LYS C 127 16.73 -0.92 7.66
C LYS C 127 16.53 0.50 8.12
N LEU C 128 16.03 1.34 7.23
CA LEU C 128 15.78 2.69 7.60
C LEU C 128 14.70 2.78 8.65
N ALA C 129 13.60 2.07 8.48
CA ALA C 129 12.50 2.14 9.41
C ALA C 129 12.92 1.77 10.82
N ILE C 130 13.80 0.79 10.95
CA ILE C 130 14.25 0.42 12.26
C ILE C 130 14.99 1.59 12.82
N ALA C 131 15.87 2.18 12.02
CA ALA C 131 16.61 3.34 12.48
C ALA C 131 15.66 4.47 12.86
N VAL C 132 14.60 4.67 12.11
CA VAL C 132 13.68 5.73 12.43
C VAL C 132 13.11 5.52 13.79
N SER C 133 12.71 4.31 14.10
CA SER C 133 12.19 4.06 15.42
C SER C 133 13.24 4.35 16.47
N LEU C 134 14.46 3.88 16.25
CA LEU C 134 15.54 4.06 17.21
C LEU C 134 15.85 5.52 17.45
N MET C 135 15.67 6.38 16.45
CA MET C 135 15.95 7.79 16.57
C MET C 135 15.20 8.51 17.65
N ASN C 136 14.15 7.91 18.19
CA ASN C 136 13.44 8.59 19.26
C ASN C 136 14.18 8.46 20.57
N LYS C 137 15.25 7.66 20.56
CA LYS C 137 16.03 7.30 21.72
C LYS C 137 15.03 6.91 22.80
N PRO C 138 14.14 5.94 22.49
CA PRO C 138 13.05 5.50 23.31
C PRO C 138 13.52 4.62 24.40
N LYS C 139 12.63 4.33 25.33
CA LYS C 139 12.92 3.32 26.33
C LYS C 139 12.25 2.05 25.91
N PHE C 140 11.05 2.17 25.35
CA PHE C 140 10.40 0.95 24.95
C PHE C 140 10.44 0.88 23.47
N LEU C 141 10.90 -0.22 22.94
CA LEU C 141 10.94 -0.35 21.51
C LEU C 141 10.08 -1.53 21.16
N ILE C 142 9.17 -1.33 20.24
CA ILE C 142 8.29 -2.41 19.83
C ILE C 142 8.41 -2.67 18.35
N LEU C 143 8.89 -3.84 18.00
CA LEU C 143 9.12 -4.12 16.60
C LEU C 143 8.34 -5.29 16.06
N ASP C 144 7.60 -5.03 14.99
CA ASP C 144 6.80 -6.03 14.32
C ASP C 144 7.59 -6.60 13.15
N GLU C 145 8.13 -7.79 13.34
CA GLU C 145 8.97 -8.48 12.38
C GLU C 145 10.05 -7.55 11.81
N PRO C 146 10.95 -7.03 12.63
CA PRO C 146 11.96 -6.07 12.25
C PRO C 146 12.94 -6.53 11.20
N THR C 147 13.13 -7.82 11.05
CA THR C 147 14.07 -8.32 10.07
C THR C 147 13.35 -9.04 8.96
N ASN C 148 12.05 -8.81 8.83
CA ASN C 148 11.23 -9.52 7.86
C ASN C 148 11.81 -9.54 6.46
N GLY C 149 12.31 -8.42 5.98
CA GLY C 149 12.86 -8.33 4.62
C GLY C 149 14.37 -8.21 4.58
N MET C 150 15.06 -8.43 5.69
CA MET C 150 16.49 -8.25 5.70
C MET C 150 17.24 -9.47 5.21
N ASP C 151 18.43 -9.25 4.68
CA ASP C 151 19.23 -10.36 4.24
C ASP C 151 19.93 -10.93 5.48
N PRO C 152 20.60 -12.09 5.42
CA PRO C 152 21.27 -12.73 6.53
C PRO C 152 22.22 -11.87 7.34
N ASP C 153 22.93 -11.00 6.65
CA ASP C 153 23.91 -10.19 7.34
C ASP C 153 23.27 -8.96 7.91
N GLY C 154 22.29 -8.43 7.20
CA GLY C 154 21.60 -7.26 7.67
C GLY C 154 20.96 -7.62 8.98
N SER C 155 20.27 -8.75 9.01
CA SER C 155 19.59 -9.13 10.22
C SER C 155 20.55 -9.23 11.38
N ILE C 156 21.67 -9.91 11.19
CA ILE C 156 22.57 -10.04 12.31
C ILE C 156 23.11 -8.71 12.80
N ASP C 157 23.55 -7.84 11.90
CA ASP C 157 24.10 -6.57 12.34
C ASP C 157 23.07 -5.66 13.00
N VAL C 158 21.86 -5.64 12.48
CA VAL C 158 20.84 -4.80 13.06
C VAL C 158 20.48 -5.27 14.45
N LEU C 159 20.26 -6.57 14.60
CA LEU C 159 19.89 -7.10 15.89
C LEU C 159 20.99 -6.93 16.91
N THR C 160 22.23 -7.12 16.48
CA THR C 160 23.36 -6.96 17.36
C THR C 160 23.42 -5.53 17.84
N THR C 161 23.23 -4.58 16.92
CA THR C 161 23.28 -3.17 17.22
C THR C 161 22.24 -2.82 18.26
N ILE C 162 21.02 -3.34 18.10
CA ILE C 162 20.01 -3.02 19.07
C ILE C 162 20.42 -3.55 20.43
N LYS C 163 20.90 -4.78 20.51
CA LYS C 163 21.30 -5.28 21.80
C LYS C 163 22.35 -4.38 22.45
N SER C 164 23.29 -3.87 21.69
CA SER C 164 24.25 -2.96 22.29
C SER C 164 23.54 -1.75 22.90
N LEU C 165 22.63 -1.19 22.12
CA LEU C 165 21.90 0.00 22.53
C LEU C 165 21.07 -0.18 23.77
N VAL C 166 20.54 -1.38 24.03
CA VAL C 166 19.68 -1.49 25.22
C VAL C 166 20.43 -1.25 26.51
N ASN C 167 21.75 -1.25 26.46
CA ASN C 167 22.51 -0.96 27.64
C ASN C 167 22.86 0.51 27.63
N GLU C 168 23.20 1.05 26.44
CA GLU C 168 23.52 2.47 26.31
C GLU C 168 22.35 3.33 26.78
N LEU C 169 21.15 2.89 26.43
CA LEU C 169 19.91 3.52 26.81
C LEU C 169 19.23 2.52 27.70
N ASP C 170 18.52 2.92 28.74
CA ASP C 170 17.86 1.89 29.55
C ASP C 170 16.59 1.40 28.87
N MET C 171 16.74 0.46 27.94
CA MET C 171 15.61 0.05 27.12
C MET C 171 15.00 -1.28 27.51
N ARG C 172 13.80 -1.49 26.99
CA ARG C 172 13.08 -2.75 27.09
C ARG C 172 12.58 -2.99 25.67
N ILE C 173 12.86 -4.15 25.13
CA ILE C 173 12.53 -4.39 23.73
C ILE C 173 11.56 -5.53 23.53
N LEU C 174 10.49 -5.30 22.79
CA LEU C 174 9.57 -6.38 22.45
C LEU C 174 9.68 -6.68 20.97
N ILE C 175 10.05 -7.91 20.64
CA ILE C 175 10.19 -8.27 19.25
C ILE C 175 9.29 -9.40 18.83
N SER C 176 8.38 -9.11 17.94
CA SER C 176 7.47 -10.10 17.42
C SER C 176 8.04 -10.59 16.15
N SER C 177 8.36 -11.86 16.06
CA SER C 177 9.03 -12.23 14.84
C SER C 177 9.08 -13.69 14.49
N HIS C 178 8.99 -13.94 13.21
CA HIS C 178 9.23 -15.25 12.63
C HIS C 178 10.73 -15.33 12.55
N LYS C 179 11.31 -16.41 12.06
CA LYS C 179 12.77 -16.50 12.10
C LYS C 179 13.17 -16.58 13.54
N LEU C 180 12.81 -17.69 14.14
CA LEU C 180 13.08 -17.94 15.53
C LEU C 180 14.57 -17.85 15.75
N GLU C 181 15.34 -18.23 14.73
CA GLU C 181 16.77 -18.17 14.78
C GLU C 181 17.26 -16.75 15.06
N ASP C 182 16.53 -15.71 14.61
CA ASP C 182 16.93 -14.34 14.93
C ASP C 182 16.60 -14.05 16.38
N ILE C 183 15.44 -14.51 16.86
CA ILE C 183 15.11 -14.27 18.25
C ILE C 183 16.16 -14.91 19.13
N GLU C 184 16.57 -16.11 18.77
CA GLU C 184 17.58 -16.83 19.53
C GLU C 184 18.92 -16.11 19.60
N LEU C 185 19.17 -15.17 18.69
CA LEU C 185 20.42 -14.46 18.70
C LEU C 185 20.30 -13.41 19.78
N ILE C 186 19.22 -12.65 19.71
CA ILE C 186 19.02 -11.60 20.68
C ILE C 186 17.72 -11.82 21.45
N CYS C 187 17.85 -12.32 22.67
CA CYS C 187 16.71 -12.59 23.54
C CYS C 187 17.17 -12.94 24.95
N ASP C 188 16.27 -12.87 25.92
CA ASP C 188 16.58 -13.38 27.23
C ASP C 188 15.31 -14.02 27.75
N ARG C 189 14.32 -13.99 26.90
CA ARG C 189 13.06 -14.68 27.06
C ARG C 189 12.18 -14.57 25.84
N ALA C 190 11.23 -15.47 25.75
CA ALA C 190 10.23 -15.41 24.70
C ALA C 190 8.91 -15.91 25.20
N VAL C 191 7.86 -15.33 24.68
CA VAL C 191 6.54 -15.75 25.04
C VAL C 191 5.80 -16.22 23.83
N PHE C 192 5.05 -17.28 24.06
CA PHE C 192 4.29 -17.91 23.02
C PHE C 192 2.83 -17.63 23.21
N LEU C 193 2.29 -16.98 22.20
CA LEU C 193 0.92 -16.54 22.17
C LEU C 193 0.06 -17.47 21.33
N ARG C 194 -1.06 -17.90 21.88
CA ARG C 194 -1.99 -18.77 21.17
C ARG C 194 -3.41 -18.54 21.68
N ASP C 195 -4.37 -18.52 20.79
CA ASP C 195 -5.77 -18.40 21.20
C ASP C 195 -6.05 -17.25 22.16
N GLY C 196 -5.42 -16.11 21.94
CA GLY C 196 -5.64 -14.90 22.73
C GLY C 196 -4.95 -14.80 24.06
N HIS C 197 -4.08 -15.74 24.40
CA HIS C 197 -3.43 -15.68 25.68
C HIS C 197 -2.04 -16.27 25.64
N PHE C 198 -1.25 -15.99 26.66
CA PHE C 198 0.04 -16.62 26.61
C PHE C 198 -0.07 -18.03 27.10
N VAL C 199 0.62 -18.91 26.42
CA VAL C 199 0.64 -20.32 26.71
C VAL C 199 1.93 -20.73 27.36
N GLN C 200 3.22 -20.29 26.71
CA GLN C 200 4.48 -20.50 27.43
C GLN C 200 5.28 -19.25 27.65
N ASP C 201 5.97 -19.24 28.76
CA ASP C 201 6.94 -18.21 29.08
C ASP C 201 8.27 -18.92 29.08
N VAL C 202 9.07 -18.70 28.06
CA VAL C 202 10.31 -19.43 27.92
C VAL C 202 11.48 -18.53 28.26
N ASN C 203 12.13 -18.83 29.36
CA ASN C 203 13.21 -18.00 29.82
C ASN C 203 14.52 -18.53 29.35
N MET C 204 15.40 -17.65 28.89
CA MET C 204 16.70 -18.09 28.42
C MET C 204 17.73 -17.10 28.88
N GLU C 205 18.53 -17.49 29.84
CA GLU C 205 19.49 -16.55 30.40
C GLU C 205 20.86 -16.71 29.79
N GLU C 206 21.16 -17.95 29.43
CA GLU C 206 22.45 -18.34 28.91
C GLU C 206 22.27 -19.30 27.76
N GLY C 207 23.28 -19.40 26.90
CA GLY C 207 23.27 -20.37 25.81
C GLY C 207 23.58 -21.77 26.33
N VAL C 208 22.69 -22.27 27.20
CA VAL C 208 22.84 -23.57 27.86
C VAL C 208 22.74 -24.72 26.88
N ALA C 209 22.04 -24.45 25.78
CA ALA C 209 21.76 -25.29 24.63
C ALA C 209 20.87 -26.49 24.91
N SER C 210 20.87 -27.01 26.14
CA SER C 210 19.99 -28.11 26.50
C SER C 210 20.00 -29.15 25.39
N ASP C 211 21.19 -29.59 25.00
CA ASP C 211 21.35 -30.48 23.85
C ASP C 211 20.33 -31.58 23.87
N THR C 212 19.78 -31.81 22.68
CA THR C 212 18.73 -32.76 22.43
C THR C 212 19.07 -33.70 21.28
N THR C 213 18.36 -34.81 21.20
CA THR C 213 18.52 -35.73 20.09
C THR C 213 17.21 -35.94 19.42
N ILE C 214 17.25 -35.80 18.12
CA ILE C 214 16.09 -36.02 17.31
C ILE C 214 16.11 -37.37 16.68
N VAL C 215 15.02 -38.09 16.90
CA VAL C 215 14.79 -39.36 16.29
C VAL C 215 13.58 -39.18 15.37
N THR C 216 13.54 -39.41 13.99
CA THR C 216 12.53 -39.23 12.97
C THR C 216 12.08 -40.58 12.43
N VAL C 217 10.77 -40.80 12.40
CA VAL C 217 10.22 -42.10 12.02
C VAL C 217 9.09 -41.89 11.02
N ASP C 218 8.82 -42.94 10.26
CA ASP C 218 7.61 -42.98 9.44
C ASP C 218 6.40 -42.67 10.31
N HIS C 219 5.41 -42.03 9.69
CA HIS C 219 4.22 -41.66 10.44
C HIS C 219 3.51 -42.88 11.02
N LYS C 220 3.57 -44.02 10.32
CA LYS C 220 2.92 -45.22 10.83
C LYS C 220 3.62 -45.76 12.09
N ASP C 221 4.87 -45.38 12.32
CA ASP C 221 5.64 -45.77 13.50
C ASP C 221 5.63 -44.72 14.62
N PHE C 222 4.96 -43.59 14.42
CA PHE C 222 5.09 -42.48 15.38
C PHE C 222 4.58 -42.85 16.77
N ASP C 223 3.38 -43.41 16.84
CA ASP C 223 2.76 -43.70 18.12
C ASP C 223 3.62 -44.64 18.96
N ARG C 224 4.09 -45.74 18.35
CA ARG C 224 4.88 -46.71 19.11
C ARG C 224 6.29 -46.20 19.41
N THR C 225 6.85 -45.35 18.55
CA THR C 225 8.15 -44.77 18.86
C THR C 225 8.05 -43.78 20.01
N GLU C 226 6.98 -42.98 20.01
CA GLU C 226 6.73 -42.04 21.10
C GLU C 226 6.60 -42.79 22.42
N LYS C 227 5.82 -43.88 22.41
CA LYS C 227 5.65 -44.69 23.61
C LYS C 227 6.98 -45.26 24.09
N TYR C 228 7.79 -45.80 23.17
CA TYR C 228 9.06 -46.37 23.60
C TYR C 228 9.97 -45.30 24.19
N LEU C 229 10.10 -44.16 23.49
CA LEU C 229 11.09 -43.17 23.91
C LEU C 229 10.66 -42.47 25.20
N ALA C 230 9.36 -42.16 25.34
CA ALA C 230 8.89 -41.51 26.54
C ALA C 230 9.03 -42.40 27.77
N GLU C 231 9.01 -43.72 27.58
CA GLU C 231 9.10 -44.63 28.72
C GLU C 231 10.53 -44.86 29.16
N HIS C 232 11.49 -44.80 28.25
CA HIS C 232 12.87 -45.17 28.55
C HIS C 232 13.82 -43.99 28.59
N PHE C 233 13.41 -42.84 28.06
CA PHE C 233 14.21 -41.63 28.08
C PHE C 233 13.29 -40.49 28.46
N GLN C 234 13.80 -39.25 28.46
CA GLN C 234 13.00 -38.08 28.82
C GLN C 234 12.55 -37.41 27.53
N LEU C 235 11.25 -37.48 27.26
CA LEU C 235 10.69 -36.78 26.12
C LEU C 235 10.60 -35.29 26.43
N GLN C 236 11.12 -34.48 25.51
CA GLN C 236 11.18 -33.04 25.61
C GLN C 236 10.11 -32.34 24.78
N ASN C 237 9.87 -32.85 23.57
CA ASN C 237 8.96 -32.24 22.61
C ASN C 237 8.73 -33.24 21.50
N VAL C 238 7.68 -33.01 20.72
CA VAL C 238 7.42 -33.80 19.52
C VAL C 238 7.05 -32.86 18.37
N ASP C 239 7.16 -33.39 17.15
CA ASP C 239 6.60 -32.75 15.95
C ASP C 239 5.88 -33.82 15.15
N LYS C 240 4.61 -34.06 15.50
CA LYS C 240 3.86 -35.15 14.89
C LYS C 240 3.76 -34.98 13.37
N ALA C 241 3.61 -33.74 12.89
CA ALA C 241 3.42 -33.52 11.47
C ALA C 241 4.60 -34.04 10.65
N ASP C 242 5.81 -33.95 11.19
CA ASP C 242 7.02 -34.41 10.52
C ASP C 242 7.59 -35.68 11.13
N GLY C 243 6.94 -36.29 12.10
CA GLY C 243 7.42 -37.53 12.65
C GLY C 243 8.63 -37.43 13.55
N HIS C 244 8.86 -36.28 14.19
CA HIS C 244 10.03 -36.10 15.06
C HIS C 244 9.66 -36.34 16.52
N LEU C 245 10.58 -36.98 17.25
CA LEU C 245 10.49 -37.12 18.70
C LEU C 245 11.80 -36.60 19.29
N MET C 246 11.71 -35.69 20.25
CA MET C 246 12.86 -35.03 20.82
C MET C 246 13.06 -35.51 22.26
N ILE C 247 14.22 -36.11 22.53
CA ILE C 247 14.57 -36.63 23.84
C ILE C 247 15.88 -35.96 24.32
N ASN C 248 16.18 -36.13 25.61
CA ASN C 248 17.45 -35.65 26.13
C ASN C 248 18.60 -36.31 25.38
N ALA C 249 19.64 -35.53 25.07
CA ALA C 249 20.69 -35.97 24.17
C ALA C 249 21.34 -37.27 24.61
N GLN C 250 21.67 -38.12 23.64
CA GLN C 250 22.35 -39.39 23.87
C GLN C 250 23.68 -39.37 23.13
N LYS C 251 24.77 -39.73 23.82
CA LYS C 251 26.08 -39.82 23.16
C LYS C 251 26.10 -40.95 22.16
N ASN C 252 25.41 -42.05 22.47
CA ASN C 252 25.61 -43.34 21.82
C ASN C 252 24.23 -43.86 21.46
N TYR C 253 23.97 -44.01 20.15
CA TYR C 253 22.68 -44.37 19.61
C TYR C 253 22.36 -45.86 19.65
N GLN C 254 23.31 -46.70 20.11
CA GLN C 254 23.15 -48.15 19.99
C GLN C 254 21.92 -48.65 20.71
N VAL C 255 21.75 -48.24 21.97
CA VAL C 255 20.67 -48.81 22.79
C VAL C 255 19.32 -48.49 22.18
N ILE C 256 19.12 -47.24 21.77
CA ILE C 256 17.85 -46.84 21.15
C ILE C 256 17.63 -47.57 19.84
N LEU C 257 18.65 -47.62 18.98
CA LEU C 257 18.44 -48.26 17.68
C LEU C 257 18.17 -49.75 17.82
N LYS C 258 18.86 -50.43 18.74
CA LYS C 258 18.58 -51.86 18.95
C LYS C 258 17.17 -52.06 19.48
N ALA C 259 16.76 -51.26 20.48
CA ALA C 259 15.44 -51.45 21.06
C ALA C 259 14.34 -51.16 20.06
N LEU C 260 14.54 -50.14 19.22
CA LEU C 260 13.55 -49.83 18.18
C LEU C 260 13.47 -50.94 17.14
N SER C 261 14.63 -51.50 16.76
CA SER C 261 14.62 -52.61 15.82
C SER C 261 13.82 -53.80 16.37
N GLU C 262 13.90 -54.05 17.67
CA GLU C 262 13.10 -55.14 18.23
C GLU C 262 11.61 -54.87 18.11
N LEU C 263 11.21 -53.61 17.96
CA LEU C 263 9.83 -53.24 17.71
C LEU C 263 9.54 -53.07 16.23
N ASP C 264 10.48 -53.46 15.36
CA ASP C 264 10.31 -53.38 13.91
C ASP C 264 10.26 -51.94 13.42
N ILE C 265 10.94 -51.05 14.12
CA ILE C 265 10.97 -49.63 13.80
C ILE C 265 12.39 -49.26 13.41
N TYR C 266 12.54 -48.61 12.27
CA TYR C 266 13.85 -48.18 11.77
C TYR C 266 13.77 -46.70 11.42
N PRO C 267 14.50 -45.84 12.13
CA PRO C 267 14.35 -44.40 11.94
C PRO C 267 14.66 -43.95 10.52
N LYS C 268 13.88 -42.99 10.04
CA LYS C 268 14.27 -42.27 8.83
C LYS C 268 15.49 -41.40 9.10
N TYR C 269 15.65 -40.93 10.34
CA TYR C 269 16.73 -40.03 10.66
C TYR C 269 16.96 -40.02 12.16
N ILE C 270 18.18 -39.72 12.57
CA ILE C 270 18.49 -39.46 13.97
C ILE C 270 19.65 -38.48 14.01
N GLU C 271 19.90 -37.48 14.98
CA GLU C 271 20.93 -36.46 15.19
C GLU C 271 20.92 -35.76 16.54
N THR C 272 22.11 -35.51 17.09
CA THR C 272 22.22 -34.74 18.32
C THR C 272 22.56 -33.29 17.95
N ARG C 273 21.81 -32.35 18.50
CA ARG C 273 21.93 -30.92 18.20
C ARG C 273 21.43 -30.04 19.36
N LYS C 274 21.56 -28.72 19.23
CA LYS C 274 21.09 -27.82 20.28
C LYS C 274 19.56 -27.65 20.25
N SER C 275 18.97 -27.29 21.40
CA SER C 275 17.55 -26.98 21.56
C SER C 275 17.19 -25.70 20.84
N SER C 276 15.93 -25.55 20.42
CA SER C 276 15.54 -24.32 19.73
C SER C 276 14.12 -23.85 19.99
N LEU C 277 13.90 -22.56 19.70
CA LEU C 277 12.59 -21.97 19.79
C LEU C 277 11.72 -22.55 18.71
N ARG C 278 12.31 -22.96 17.59
CA ARG C 278 11.53 -23.57 16.52
C ARG C 278 10.86 -24.84 17.00
N ASP C 279 11.58 -25.68 17.73
CA ASP C 279 10.98 -26.92 18.21
C ASP C 279 9.89 -26.60 19.21
N THR C 280 10.13 -25.59 20.05
CA THR C 280 9.14 -25.21 21.05
C THR C 280 7.87 -24.77 20.32
N TYR C 281 8.04 -23.92 19.30
CA TYR C 281 6.95 -23.42 18.52
C TYR C 281 6.11 -24.51 17.93
N PHE C 282 6.74 -25.45 17.25
CA PHE C 282 5.96 -26.48 16.62
C PHE C 282 5.23 -27.31 17.62
N ASN C 283 5.88 -27.65 18.72
CA ASN C 283 5.24 -28.50 19.69
C ASN C 283 3.88 -27.89 20.08
N ILE C 284 3.88 -26.56 20.33
CA ILE C 284 2.72 -25.77 20.72
C ILE C 284 1.66 -25.55 19.61
N ASN C 285 2.10 -25.16 18.42
CA ASN C 285 1.18 -24.76 17.35
C ASN C 285 0.89 -25.73 16.20
N GLN C 286 1.68 -26.77 16.01
CA GLN C 286 1.53 -27.65 14.85
C GLN C 286 0.17 -28.29 14.72
N ARG C 287 -0.53 -28.50 15.83
CA ARG C 287 -1.80 -29.20 15.83
C ARG C 287 -2.94 -28.38 15.31
N GLY C 288 -2.73 -27.08 15.10
CA GLY C 288 -3.82 -26.27 14.58
C GLY C 288 -4.24 -26.81 13.22
N ASP C 289 -3.26 -26.92 12.33
CA ASP C 289 -3.44 -27.41 10.97
C ASP C 289 -3.18 -28.91 10.82
N LYS C 290 -2.30 -29.47 11.67
CA LYS C 290 -1.88 -30.84 11.51
C LYS C 290 -2.43 -31.75 12.61
N MET D 1 11.49 -18.69 -21.41
CA MET D 1 11.94 -17.59 -20.56
C MET D 1 13.44 -17.51 -20.53
N LYS D 2 14.00 -16.74 -21.44
CA LYS D 2 15.46 -16.60 -21.44
C LYS D 2 15.87 -15.14 -21.39
N LEU D 3 16.96 -14.88 -20.69
CA LEU D 3 17.49 -13.53 -20.66
C LEU D 3 18.84 -13.47 -21.30
N GLU D 4 18.97 -12.58 -22.28
CA GLU D 4 20.25 -12.43 -22.95
C GLU D 4 20.79 -11.02 -22.85
N HIS D 5 21.99 -10.92 -22.28
CA HIS D 5 22.69 -9.65 -22.17
C HIS D 5 21.84 -8.55 -21.56
N ILE D 6 21.15 -8.81 -20.48
CA ILE D 6 20.31 -7.76 -19.93
C ILE D 6 21.12 -6.75 -19.15
N THR D 7 20.89 -5.47 -19.44
CA THR D 7 21.61 -4.42 -18.72
C THR D 7 20.61 -3.39 -18.27
N LYS D 8 20.67 -3.02 -17.01
CA LYS D 8 19.69 -2.06 -16.52
C LYS D 8 20.30 -1.16 -15.49
N LYS D 9 20.13 0.13 -15.70
CA LYS D 9 20.64 1.09 -14.76
C LYS D 9 19.62 2.16 -14.44
N TYR D 10 19.77 2.71 -13.26
CA TYR D 10 18.99 3.85 -12.84
C TYR D 10 19.92 5.03 -12.74
N GLY D 11 19.91 5.86 -13.77
CA GLY D 11 20.90 6.92 -13.84
C GLY D 11 22.26 6.26 -13.89
N SER D 12 23.14 6.64 -12.97
CA SER D 12 24.48 6.08 -12.93
C SER D 12 24.57 4.73 -12.22
N ASN D 13 23.48 4.31 -11.59
CA ASN D 13 23.50 3.07 -10.83
C ASN D 13 23.21 1.85 -11.67
N VAL D 14 24.24 1.10 -12.00
CA VAL D 14 24.02 -0.07 -12.81
C VAL D 14 23.59 -1.19 -11.91
N VAL D 15 22.47 -1.79 -12.20
CA VAL D 15 21.96 -2.85 -11.39
C VAL D 15 22.27 -4.16 -12.06
N LEU D 16 21.90 -4.29 -13.31
CA LEU D 16 22.19 -5.51 -14.02
C LEU D 16 23.21 -5.17 -15.08
N ASN D 17 24.16 -6.06 -15.32
CA ASN D 17 25.18 -5.77 -16.31
C ASN D 17 25.55 -6.97 -17.15
N ASP D 18 25.03 -7.01 -18.38
CA ASP D 18 25.23 -8.14 -19.27
C ASP D 18 24.87 -9.45 -18.56
N ILE D 19 23.72 -9.49 -17.93
CA ILE D 19 23.37 -10.70 -17.20
C ILE D 19 22.57 -11.67 -18.04
N ASP D 20 22.99 -12.94 -18.05
CA ASP D 20 22.29 -13.97 -18.78
C ASP D 20 21.54 -14.89 -17.81
N PHE D 21 20.47 -15.50 -18.27
CA PHE D 21 19.71 -16.46 -17.45
C PHE D 21 18.91 -17.48 -18.22
N ASP D 22 18.89 -18.73 -17.73
CA ASP D 22 18.00 -19.73 -18.29
C ASP D 22 17.67 -20.83 -17.28
N PHE D 23 16.80 -21.73 -17.70
CA PHE D 23 16.42 -22.92 -16.97
C PHE D 23 16.97 -24.13 -17.70
N GLY D 24 18.09 -24.66 -17.22
CA GLY D 24 18.78 -25.78 -17.88
C GLY D 24 18.09 -27.11 -17.58
N ASP D 25 16.83 -27.21 -18.02
CA ASP D 25 15.91 -28.33 -17.79
C ASP D 25 15.55 -28.49 -16.32
N SER D 26 15.90 -27.49 -15.53
CA SER D 26 15.59 -27.43 -14.14
C SER D 26 14.16 -26.95 -13.96
N ARG D 27 13.61 -27.11 -12.78
CA ARG D 27 12.26 -26.63 -12.56
C ARG D 27 12.25 -25.57 -11.51
N ILE D 28 12.99 -25.78 -10.43
CA ILE D 28 12.92 -24.80 -9.37
C ILE D 28 14.24 -24.07 -9.19
N VAL D 29 14.27 -22.81 -9.54
CA VAL D 29 15.50 -22.08 -9.46
C VAL D 29 15.42 -21.04 -8.39
N GLY D 30 16.31 -21.12 -7.43
CA GLY D 30 16.32 -20.11 -6.39
C GLY D 30 17.22 -18.97 -6.79
N LEU D 31 16.93 -17.78 -6.30
CA LEU D 31 17.77 -16.62 -6.53
C LEU D 31 18.16 -15.98 -5.20
N ILE D 32 19.46 -15.94 -5.00
CA ILE D 32 20.08 -15.50 -3.78
C ILE D 32 21.00 -14.33 -4.00
N GLY D 33 20.97 -13.39 -3.08
CA GLY D 33 21.86 -12.23 -3.16
C GLY D 33 21.54 -11.28 -2.03
N LYS D 34 22.35 -10.25 -1.86
CA LYS D 34 22.17 -9.27 -0.79
C LYS D 34 21.15 -8.23 -1.14
N ASN D 35 20.64 -7.52 -0.13
CA ASN D 35 19.70 -6.49 -0.47
C ASN D 35 20.37 -5.30 -1.11
N GLY D 36 19.95 -5.00 -2.33
CA GLY D 36 20.46 -3.93 -3.16
C GLY D 36 21.10 -4.47 -4.43
N VAL D 37 21.18 -5.79 -4.53
CA VAL D 37 21.77 -6.42 -5.70
C VAL D 37 20.89 -6.38 -6.93
N GLY D 38 19.57 -6.43 -6.79
CA GLY D 38 18.74 -6.41 -7.99
C GLY D 38 17.84 -7.61 -8.25
N LYS D 39 17.61 -8.46 -7.27
CA LYS D 39 16.73 -9.61 -7.50
C LYS D 39 15.35 -9.19 -8.04
N THR D 40 14.72 -8.18 -7.43
CA THR D 40 13.39 -7.75 -7.91
C THR D 40 13.51 -7.28 -9.35
N THR D 41 14.55 -6.50 -9.63
CA THR D 41 14.75 -5.95 -10.96
C THR D 41 14.78 -7.06 -11.98
N VAL D 42 15.48 -8.14 -11.69
CA VAL D 42 15.54 -9.22 -12.65
C VAL D 42 14.15 -9.77 -12.89
N MET D 43 13.43 -9.98 -11.82
CA MET D 43 12.10 -10.51 -11.93
C MET D 43 11.17 -9.58 -12.69
N LYS D 44 11.26 -8.28 -12.45
CA LYS D 44 10.43 -7.36 -13.18
C LYS D 44 10.73 -7.42 -14.67
N VAL D 45 12.01 -7.55 -15.03
CA VAL D 45 12.34 -7.65 -16.43
C VAL D 45 11.67 -8.88 -17.02
N MET D 46 11.77 -10.00 -16.33
CA MET D 46 11.13 -11.21 -16.82
C MET D 46 9.62 -11.07 -16.89
N ASN D 47 9.01 -10.47 -15.87
CA ASN D 47 7.57 -10.32 -15.85
C ASN D 47 7.14 -9.47 -17.00
N GLY D 48 7.95 -8.44 -17.26
CA GLY D 48 7.72 -7.47 -18.31
C GLY D 48 7.15 -6.15 -17.77
N ASN D 49 7.50 -5.83 -16.52
CA ASN D 49 7.08 -4.59 -15.90
C ASN D 49 8.07 -3.47 -16.18
N ILE D 50 9.13 -3.82 -16.90
CA ILE D 50 10.20 -2.94 -17.33
C ILE D 50 10.38 -3.08 -18.83
N ILE D 51 10.48 -1.97 -19.56
CA ILE D 51 10.69 -2.09 -20.98
C ILE D 51 11.96 -1.34 -21.42
N LYS D 52 12.77 -0.96 -20.46
CA LYS D 52 13.99 -0.22 -20.73
C LYS D 52 15.25 -0.97 -20.31
N PHE D 53 15.26 -2.27 -20.50
CA PHE D 53 16.37 -3.12 -20.05
C PHE D 53 17.52 -3.36 -21.02
N ASP D 54 17.50 -2.70 -22.18
CA ASP D 54 18.60 -2.80 -23.13
C ASP D 54 19.14 -4.21 -23.33
N GLY D 55 18.32 -5.11 -23.87
CA GLY D 55 18.76 -6.49 -24.03
C GLY D 55 17.62 -7.31 -24.55
N LYS D 56 17.76 -8.63 -24.59
CA LYS D 56 16.67 -9.43 -25.12
C LYS D 56 16.00 -10.29 -24.07
N VAL D 57 14.70 -10.16 -23.99
CA VAL D 57 13.93 -10.98 -23.09
C VAL D 57 13.10 -11.88 -23.97
N ASP D 58 13.44 -13.14 -23.95
CA ASP D 58 12.84 -14.13 -24.84
C ASP D 58 11.66 -14.82 -24.20
N ILE D 59 10.46 -14.37 -24.52
CA ILE D 59 9.27 -14.95 -23.95
C ILE D 59 8.27 -15.34 -25.01
N ASP D 60 7.84 -16.59 -24.98
CA ASP D 60 6.81 -16.96 -25.92
C ASP D 60 5.57 -16.40 -25.31
N ASN D 61 5.01 -15.39 -25.92
CA ASN D 61 3.89 -14.67 -25.35
C ASN D 61 2.63 -15.52 -25.33
N ALA D 62 2.69 -16.67 -25.97
CA ALA D 62 1.61 -17.65 -25.92
C ALA D 62 1.39 -18.11 -24.49
N ASP D 63 2.45 -18.10 -23.68
CA ASP D 63 2.43 -18.59 -22.31
C ASP D 63 2.06 -17.55 -21.29
N ASN D 64 1.52 -18.02 -20.18
CA ASN D 64 1.23 -17.15 -19.06
C ASN D 64 2.31 -17.16 -18.00
N ILE D 65 2.54 -15.96 -17.44
CA ILE D 65 3.46 -15.76 -16.35
C ILE D 65 2.72 -15.20 -15.16
N GLY D 66 2.82 -15.89 -14.03
CA GLY D 66 2.18 -15.47 -12.80
C GLY D 66 3.26 -14.87 -11.94
N PHE D 67 2.93 -13.92 -11.10
CA PHE D 67 4.00 -13.39 -10.28
C PHE D 67 3.58 -12.65 -9.05
N LEU D 68 4.52 -12.44 -8.14
CA LEU D 68 4.25 -11.61 -6.94
C LEU D 68 5.51 -10.78 -6.67
N ILE D 69 5.41 -9.46 -6.73
CA ILE D 69 6.62 -8.61 -6.56
C ILE D 69 6.41 -7.67 -5.37
N GLU D 70 7.39 -7.61 -4.47
CA GLU D 70 7.33 -6.72 -3.27
C GLU D 70 6.09 -7.05 -2.43
N HIS D 71 5.38 -6.02 -1.97
CA HIS D 71 4.20 -6.21 -1.09
C HIS D 71 3.03 -6.79 -1.89
N PRO D 72 2.10 -7.56 -1.28
CA PRO D 72 1.02 -8.18 -2.02
C PRO D 72 0.06 -7.14 -2.64
N LYS D 73 -0.50 -7.46 -3.81
CA LYS D 73 -1.45 -6.53 -4.50
C LYS D 73 -2.85 -7.17 -4.48
N LEU D 74 -3.82 -6.54 -3.79
CA LEU D 74 -5.13 -7.11 -3.63
C LEU D 74 -6.15 -5.99 -3.64
N TYR D 75 -7.41 -6.29 -3.89
CA TYR D 75 -8.41 -5.24 -3.76
C TYR D 75 -8.91 -5.27 -2.32
N ASP D 76 -8.55 -4.26 -1.53
CA ASP D 76 -8.79 -4.20 -0.09
C ASP D 76 -10.22 -4.29 0.41
N ASN D 77 -11.18 -3.79 -0.35
CA ASN D 77 -12.53 -3.81 0.14
C ASN D 77 -13.32 -5.00 -0.33
N LYS D 78 -12.62 -5.98 -0.87
CA LYS D 78 -13.25 -7.18 -1.35
C LYS D 78 -12.74 -8.36 -0.59
N SER D 79 -13.47 -9.47 -0.64
CA SER D 79 -13.02 -10.67 0.02
C SER D 79 -11.85 -11.32 -0.65
N GLY D 80 -11.20 -12.19 0.09
CA GLY D 80 -10.10 -12.97 -0.45
C GLY D 80 -10.60 -13.78 -1.63
N LEU D 81 -11.69 -14.48 -1.41
CA LEU D 81 -12.27 -15.30 -2.45
C LEU D 81 -12.59 -14.48 -3.68
N TYR D 82 -13.12 -13.28 -3.48
CA TYR D 82 -13.43 -12.40 -4.59
C TYR D 82 -12.20 -12.19 -5.44
N ASN D 83 -11.08 -11.84 -4.79
CA ASN D 83 -9.87 -11.60 -5.53
C ASN D 83 -9.46 -12.83 -6.31
N LEU D 84 -9.58 -14.00 -5.72
CA LEU D 84 -9.17 -15.17 -6.49
C LEU D 84 -10.02 -15.35 -7.71
N LYS D 85 -11.33 -15.16 -7.56
CA LYS D 85 -12.19 -15.33 -8.70
C LYS D 85 -11.89 -14.31 -9.77
N LEU D 86 -11.69 -13.07 -9.36
CA LEU D 86 -11.43 -12.03 -10.31
C LEU D 86 -10.19 -12.31 -11.09
N PHE D 87 -9.10 -12.60 -10.42
CA PHE D 87 -7.90 -12.75 -11.17
C PHE D 87 -7.96 -13.97 -12.06
N ALA D 88 -8.60 -15.04 -11.60
CA ALA D 88 -8.69 -16.21 -12.45
C ALA D 88 -9.41 -15.89 -13.76
N GLN D 89 -10.47 -15.09 -13.66
CA GLN D 89 -11.25 -14.70 -14.81
C GLN D 89 -10.55 -13.64 -15.67
N VAL D 90 -9.84 -12.74 -15.02
CA VAL D 90 -9.19 -11.61 -15.65
C VAL D 90 -7.80 -11.85 -16.22
N LEU D 91 -6.89 -12.42 -15.45
CA LEU D 91 -5.54 -12.63 -15.92
C LEU D 91 -5.36 -14.07 -16.35
N GLY D 92 -6.11 -14.95 -15.74
CA GLY D 92 -6.02 -16.38 -16.00
C GLY D 92 -6.92 -16.79 -17.15
N LYS D 93 -7.22 -18.08 -17.24
CA LYS D 93 -8.05 -18.58 -18.33
C LYS D 93 -9.52 -18.53 -17.96
N GLY D 94 -9.78 -18.75 -16.68
CA GLY D 94 -11.11 -18.81 -16.13
C GLY D 94 -11.00 -19.31 -14.71
N PHE D 95 -12.08 -19.21 -13.96
CA PHE D 95 -12.08 -19.68 -12.59
C PHE D 95 -12.36 -21.15 -12.43
N ASP D 96 -11.34 -21.87 -11.99
CA ASP D 96 -11.37 -23.29 -11.77
C ASP D 96 -11.62 -23.56 -10.30
N LYS D 97 -12.86 -23.91 -9.97
CA LYS D 97 -13.21 -24.07 -8.57
C LYS D 97 -12.38 -25.13 -7.87
N ALA D 98 -12.21 -26.28 -8.49
CA ALA D 98 -11.47 -27.33 -7.82
C ALA D 98 -10.04 -26.93 -7.56
N TYR D 99 -9.42 -26.29 -8.55
CA TYR D 99 -8.04 -25.85 -8.43
C TYR D 99 -7.93 -24.88 -7.28
N THR D 100 -8.84 -23.93 -7.26
CA THR D 100 -8.86 -22.89 -6.26
C THR D 100 -8.94 -23.50 -4.90
N ASP D 101 -9.88 -24.44 -4.71
CA ASP D 101 -10.04 -25.07 -3.42
C ASP D 101 -8.80 -25.79 -3.00
N LYS D 102 -8.15 -26.52 -3.90
CA LYS D 102 -6.97 -27.23 -3.46
C LYS D 102 -5.97 -26.27 -2.86
N ILE D 103 -5.78 -25.12 -3.51
CA ILE D 103 -4.85 -24.14 -3.00
C ILE D 103 -5.30 -23.55 -1.68
N ILE D 104 -6.56 -23.17 -1.57
CA ILE D 104 -7.05 -22.58 -0.34
C ILE D 104 -6.88 -23.49 0.84
N ASP D 105 -7.24 -24.76 0.69
CA ASP D 105 -7.16 -25.62 1.84
C ASP D 105 -5.74 -26.09 2.07
N ALA D 106 -4.96 -26.24 1.01
CA ALA D 106 -3.57 -26.62 1.18
C ALA D 106 -2.83 -25.53 1.96
N PHE D 107 -3.14 -24.27 1.66
CA PHE D 107 -2.50 -23.16 2.35
C PHE D 107 -3.12 -22.99 3.71
N GLY D 108 -4.38 -23.39 3.84
CA GLY D 108 -5.09 -23.31 5.10
C GLY D 108 -5.65 -21.93 5.34
N MET D 109 -6.02 -21.25 4.26
CA MET D 109 -6.53 -19.90 4.42
C MET D 109 -8.04 -19.90 4.52
N ARG D 110 -8.63 -21.08 4.39
CA ARG D 110 -10.07 -21.26 4.38
C ARG D 110 -10.86 -20.44 5.39
N PRO D 111 -10.53 -20.40 6.69
CA PRO D 111 -11.30 -19.73 7.72
C PRO D 111 -11.51 -18.25 7.49
N TYR D 112 -10.68 -17.61 6.67
CA TYR D 112 -10.83 -16.19 6.45
C TYR D 112 -10.97 -15.83 4.99
N ILE D 113 -11.15 -16.83 4.13
CA ILE D 113 -11.20 -16.52 2.71
C ILE D 113 -12.40 -15.65 2.35
N LYS D 114 -13.49 -15.74 3.09
CA LYS D 114 -14.63 -14.90 2.76
C LYS D 114 -14.61 -13.55 3.45
N LYS D 115 -13.56 -13.24 4.19
CA LYS D 115 -13.51 -11.96 4.84
C LYS D 115 -12.82 -10.98 3.92
N LYS D 116 -13.11 -9.70 4.11
CA LYS D 116 -12.49 -8.63 3.35
C LYS D 116 -11.01 -8.55 3.57
N VAL D 117 -10.27 -8.31 2.51
CA VAL D 117 -8.83 -8.22 2.55
C VAL D 117 -8.31 -7.18 3.49
N LYS D 118 -8.93 -6.03 3.57
CA LYS D 118 -8.42 -5.03 4.52
C LYS D 118 -8.37 -5.53 5.96
N LYS D 119 -9.10 -6.61 6.28
CA LYS D 119 -9.14 -7.16 7.63
C LYS D 119 -8.08 -8.25 7.79
N TYR D 120 -7.31 -8.50 6.75
CA TYR D 120 -6.27 -9.52 6.75
C TYR D 120 -5.01 -9.04 7.37
N SER D 121 -4.28 -9.94 7.96
CA SER D 121 -2.96 -9.67 8.47
C SER D 121 -1.97 -9.70 7.32
N MET D 122 -0.75 -9.23 7.54
CA MET D 122 0.27 -9.27 6.50
C MET D 122 0.50 -10.70 6.00
N GLY D 123 0.58 -11.65 6.92
CA GLY D 123 0.79 -13.04 6.59
C GLY D 123 -0.34 -13.55 5.72
N MET D 124 -1.57 -13.28 6.13
CA MET D 124 -2.71 -13.73 5.37
C MET D 124 -2.68 -13.17 3.98
N LYS D 125 -2.33 -11.89 3.85
CA LYS D 125 -2.27 -11.31 2.53
C LYS D 125 -1.28 -12.03 1.67
N GLN D 126 -0.12 -12.39 2.22
CA GLN D 126 0.81 -13.10 1.38
C GLN D 126 0.30 -14.47 0.98
N LYS D 127 -0.33 -15.20 1.90
CA LYS D 127 -0.83 -16.51 1.45
C LYS D 127 -1.80 -16.34 0.31
N LEU D 128 -2.65 -15.33 0.41
CA LEU D 128 -3.58 -15.10 -0.64
C LEU D 128 -2.87 -14.69 -1.91
N ALA D 129 -1.91 -13.79 -1.83
CA ALA D 129 -1.23 -13.31 -3.00
C ALA D 129 -0.55 -14.42 -3.77
N ILE D 130 0.01 -15.38 -3.05
CA ILE D 130 0.64 -16.47 -3.73
C ILE D 130 -0.44 -17.21 -4.48
N ALA D 131 -1.56 -17.46 -3.83
CA ALA D 131 -2.65 -18.14 -4.50
C ALA D 131 -3.12 -17.35 -5.70
N VAL D 132 -3.16 -16.03 -5.60
CA VAL D 132 -3.61 -15.23 -6.72
C VAL D 132 -2.73 -15.46 -7.90
N SER D 133 -1.43 -15.47 -7.68
CA SER D 133 -0.54 -15.72 -8.78
C SER D 133 -0.79 -17.10 -9.37
N LEU D 134 -0.92 -18.11 -8.50
CA LEU D 134 -1.13 -19.46 -8.97
C LEU D 134 -2.40 -19.62 -9.78
N MET D 135 -3.43 -18.83 -9.46
CA MET D 135 -4.70 -18.91 -10.17
C MET D 135 -4.63 -18.69 -11.66
N ASN D 136 -3.53 -18.16 -12.17
CA ASN D 136 -3.45 -17.98 -13.60
C ASN D 136 -3.14 -19.29 -14.29
N LYS D 137 -2.86 -20.32 -13.49
CA LYS D 137 -2.42 -21.62 -13.95
C LYS D 137 -1.32 -21.37 -14.95
N PRO D 138 -0.27 -20.62 -14.56
CA PRO D 138 0.80 -20.16 -15.38
C PRO D 138 1.80 -21.24 -15.63
N LYS D 139 2.71 -21.00 -16.55
CA LYS D 139 3.82 -21.90 -16.72
C LYS D 139 5.01 -21.31 -16.00
N PHE D 140 5.14 -20.01 -16.05
CA PHE D 140 6.28 -19.44 -15.38
C PHE D 140 5.78 -18.74 -14.17
N LEU D 141 6.35 -19.05 -13.03
CA LEU D 141 5.92 -18.40 -11.83
C LEU D 141 7.12 -17.67 -11.28
N ILE D 142 6.95 -16.40 -10.99
CA ILE D 142 8.05 -15.62 -10.46
C ILE D 142 7.68 -15.02 -9.12
N LEU D 143 8.38 -15.43 -8.09
CA LEU D 143 8.02 -14.99 -6.76
C LEU D 143 9.11 -14.24 -6.03
N ASP D 144 8.77 -13.04 -5.60
CA ASP D 144 9.67 -12.18 -4.86
C ASP D 144 9.43 -12.36 -3.37
N GLU D 145 10.32 -13.09 -2.72
CA GLU D 145 10.24 -13.44 -1.32
C GLU D 145 8.83 -13.94 -0.94
N PRO D 146 8.35 -15.03 -1.53
CA PRO D 146 7.03 -15.55 -1.33
C PRO D 146 6.66 -15.94 0.08
N THR D 147 7.64 -16.22 0.92
CA THR D 147 7.35 -16.62 2.28
C THR D 147 7.83 -15.57 3.25
N ASN D 148 8.07 -14.35 2.75
CA ASN D 148 8.62 -13.29 3.57
C ASN D 148 7.92 -13.08 4.89
N GLY D 149 6.59 -13.10 4.90
CA GLY D 149 5.82 -12.87 6.11
C GLY D 149 5.13 -14.12 6.66
N MET D 150 5.47 -15.28 6.14
CA MET D 150 4.78 -16.49 6.57
C MET D 150 5.37 -17.07 7.83
N ASP D 151 4.55 -17.79 8.57
CA ASP D 151 5.03 -18.44 9.76
C ASP D 151 5.70 -19.74 9.33
N PRO D 152 6.43 -20.46 10.21
CA PRO D 152 7.13 -21.69 9.89
C PRO D 152 6.33 -22.76 9.18
N ASP D 153 5.08 -22.89 9.55
CA ASP D 153 4.27 -23.93 8.96
C ASP D 153 3.68 -23.48 7.67
N GLY D 154 3.32 -22.21 7.60
CA GLY D 154 2.77 -21.66 6.40
C GLY D 154 3.78 -21.83 5.31
N SER D 155 5.02 -21.44 5.59
CA SER D 155 6.04 -21.53 4.58
C SER D 155 6.19 -22.93 4.08
N ILE D 156 6.28 -23.91 4.98
CA ILE D 156 6.47 -25.25 4.50
C ILE D 156 5.32 -25.74 3.64
N ASP D 157 4.08 -25.53 4.07
CA ASP D 157 2.95 -26.01 3.30
C ASP D 157 2.79 -25.33 1.96
N VAL D 158 3.05 -24.03 1.90
CA VAL D 158 2.93 -23.31 0.66
C VAL D 158 3.97 -23.79 -0.33
N LEU D 159 5.20 -23.87 0.11
CA LEU D 159 6.28 -24.28 -0.76
C LEU D 159 6.10 -25.70 -1.25
N THR D 160 5.64 -26.58 -0.36
CA THR D 160 5.40 -27.95 -0.71
C THR D 160 4.33 -28.02 -1.78
N THR D 161 3.26 -27.25 -1.60
CA THR D 161 2.15 -27.21 -2.53
C THR D 161 2.63 -26.79 -3.90
N ILE D 162 3.46 -25.76 -3.96
CA ILE D 162 3.93 -25.33 -5.25
C ILE D 162 4.72 -26.44 -5.91
N LYS D 163 5.62 -27.08 -5.18
CA LYS D 163 6.36 -28.15 -5.81
C LYS D 163 5.44 -29.21 -6.37
N SER D 164 4.37 -29.56 -5.68
CA SER D 164 3.48 -30.55 -6.26
C SER D 164 2.93 -30.04 -7.60
N LEU D 165 2.50 -28.79 -7.61
CA LEU D 165 1.91 -28.19 -8.78
C LEU D 165 2.84 -28.11 -9.97
N VAL D 166 4.15 -28.00 -9.77
CA VAL D 166 5.00 -27.88 -10.97
C VAL D 166 5.00 -29.12 -11.83
N ASN D 167 4.47 -30.22 -11.30
CA ASN D 167 4.37 -31.41 -12.10
C ASN D 167 2.98 -31.47 -12.69
N GLU D 168 1.97 -31.08 -11.90
CA GLU D 168 0.58 -31.06 -12.39
C GLU D 168 0.47 -30.16 -13.62
N LEU D 169 1.16 -29.04 -13.56
CA LEU D 169 1.22 -28.06 -14.64
C LEU D 169 2.66 -28.09 -15.08
N ASP D 170 2.96 -27.92 -16.36
CA ASP D 170 4.38 -27.94 -16.72
C ASP D 170 5.02 -26.59 -16.41
N MET D 171 5.42 -26.41 -15.16
CA MET D 171 5.90 -25.11 -14.72
C MET D 171 7.40 -24.98 -14.59
N ARG D 172 7.84 -23.74 -14.51
CA ARG D 172 9.21 -23.37 -14.22
C ARG D 172 9.09 -22.28 -13.19
N ILE D 173 9.78 -22.43 -12.07
CA ILE D 173 9.58 -21.49 -10.98
C ILE D 173 10.85 -20.74 -10.60
N LEU D 174 10.77 -19.43 -10.53
CA LEU D 174 11.91 -18.65 -10.06
C LEU D 174 11.60 -18.05 -8.71
N ILE D 175 12.39 -18.40 -7.70
CA ILE D 175 12.12 -17.87 -6.37
C ILE D 175 13.27 -17.08 -5.82
N SER D 176 13.03 -15.81 -5.59
CA SER D 176 14.03 -14.94 -5.03
C SER D 176 13.76 -14.87 -3.57
N SER D 177 14.70 -15.30 -2.76
CA SER D 177 14.32 -15.31 -1.36
C SER D 177 15.41 -15.41 -0.34
N HIS D 178 15.19 -14.74 0.76
CA HIS D 178 16.00 -14.87 1.95
C HIS D 178 15.48 -16.12 2.60
N LYS D 179 16.00 -16.54 3.74
CA LYS D 179 15.54 -17.82 4.28
C LYS D 179 16.00 -18.89 3.32
N LEU D 180 17.31 -19.06 3.29
CA LEU D 180 17.93 -20.01 2.42
C LEU D 180 17.38 -21.38 2.75
N GLU D 181 17.03 -21.58 4.02
CA GLU D 181 16.46 -22.83 4.49
C GLU D 181 15.17 -23.16 3.73
N ASP D 182 14.40 -22.16 3.30
CA ASP D 182 13.20 -22.43 2.51
C ASP D 182 13.60 -22.82 1.10
N ILE D 183 14.61 -22.15 0.54
CA ILE D 183 15.04 -22.52 -0.81
C ILE D 183 15.52 -23.95 -0.78
N GLU D 184 16.25 -24.32 0.24
CA GLU D 184 16.76 -25.67 0.39
C GLU D 184 15.68 -26.73 0.45
N LEU D 185 14.45 -26.36 0.80
CA LEU D 185 13.38 -27.31 0.88
C LEU D 185 12.93 -27.58 -0.53
N ILE D 186 12.65 -26.49 -1.24
CA ILE D 186 12.19 -26.64 -2.61
C ILE D 186 13.15 -25.95 -3.58
N CYS D 187 13.98 -26.74 -4.24
CA CYS D 187 14.95 -26.26 -5.21
C CYS D 187 15.58 -27.41 -5.97
N ASP D 188 16.22 -27.11 -7.09
CA ASP D 188 17.02 -28.10 -7.76
C ASP D 188 18.24 -27.40 -8.31
N ARG D 189 18.26 -26.11 -8.02
CA ARG D 189 19.39 -25.23 -8.26
C ARG D 189 19.16 -23.86 -7.69
N ALA D 190 20.25 -23.14 -7.51
CA ALA D 190 20.19 -21.76 -7.09
C ALA D 190 21.30 -20.97 -7.70
N VAL D 191 20.99 -19.72 -7.98
CA VAL D 191 21.98 -18.84 -8.54
C VAL D 191 22.22 -17.68 -7.63
N PHE D 192 23.48 -17.32 -7.55
CA PHE D 192 23.93 -16.26 -6.70
C PHE D 192 24.30 -15.06 -7.53
N LEU D 193 23.60 -13.95 -7.26
CA LEU D 193 23.83 -12.70 -8.02
C LEU D 193 24.53 -11.69 -7.10
N ARG D 194 25.72 -11.22 -7.49
CA ARG D 194 26.45 -10.20 -6.68
C ARG D 194 27.13 -9.20 -7.62
N ASP D 195 27.17 -7.93 -7.24
CA ASP D 195 27.89 -6.89 -8.05
C ASP D 195 27.25 -6.75 -9.43
N GLY D 196 25.96 -7.06 -9.57
CA GLY D 196 25.26 -6.85 -10.85
C GLY D 196 25.48 -7.95 -11.87
N HIS D 197 26.20 -9.01 -11.50
CA HIS D 197 26.38 -10.16 -12.44
C HIS D 197 26.25 -11.48 -11.69
N PHE D 198 25.81 -12.54 -12.38
CA PHE D 198 25.78 -13.88 -11.72
C PHE D 198 27.22 -14.26 -11.40
N VAL D 199 27.46 -14.82 -10.20
CA VAL D 199 28.87 -15.11 -9.79
C VAL D 199 29.06 -16.63 -9.64
N GLN D 200 28.12 -17.31 -8.99
CA GLN D 200 28.28 -18.72 -8.71
C GLN D 200 27.00 -19.48 -8.89
N ASP D 201 27.04 -20.52 -9.69
CA ASP D 201 25.86 -21.35 -9.83
C ASP D 201 26.04 -22.59 -8.98
N VAL D 202 24.95 -23.15 -8.50
CA VAL D 202 25.00 -24.37 -7.73
C VAL D 202 24.02 -25.41 -8.26
N ASN D 203 24.50 -26.61 -8.57
CA ASN D 203 23.58 -27.65 -9.03
C ASN D 203 23.22 -28.53 -7.84
N MET D 204 21.99 -28.38 -7.36
CA MET D 204 21.52 -29.04 -6.16
C MET D 204 21.44 -30.54 -6.31
N GLU D 205 21.34 -31.01 -7.54
CA GLU D 205 21.21 -32.44 -7.77
C GLU D 205 22.56 -33.12 -7.90
N GLU D 206 23.63 -32.33 -7.86
CA GLU D 206 24.96 -32.89 -7.98
C GLU D 206 25.66 -32.85 -6.64
N GLY D 207 25.58 -31.70 -5.97
CA GLY D 207 26.24 -31.55 -4.68
C GLY D 207 27.75 -31.64 -4.87
N VAL D 208 28.46 -32.02 -3.82
CA VAL D 208 29.91 -32.13 -3.91
C VAL D 208 30.42 -33.50 -3.41
N ALA D 209 31.66 -33.82 -3.74
CA ALA D 209 32.27 -35.07 -3.29
C ALA D 209 32.30 -35.19 -1.77
N SER D 210 32.46 -34.07 -1.07
CA SER D 210 32.58 -34.05 0.37
C SER D 210 31.25 -34.30 1.10
N ASP D 211 30.15 -34.37 0.37
CA ASP D 211 28.88 -34.60 1.01
C ASP D 211 28.72 -36.06 1.35
N THR D 212 29.20 -36.44 2.54
CA THR D 212 29.22 -37.82 2.99
C THR D 212 28.53 -38.10 4.32
N THR D 213 27.94 -39.21 4.29
CA THR D 213 27.35 -39.93 5.41
C THR D 213 28.43 -40.77 6.07
N ILE D 214 28.67 -40.56 7.37
CA ILE D 214 29.69 -41.24 8.14
C ILE D 214 29.02 -42.21 9.08
N VAL D 215 29.38 -43.48 8.99
CA VAL D 215 28.89 -44.55 9.85
C VAL D 215 30.02 -44.90 10.82
N THR D 216 29.68 -44.97 12.11
CA THR D 216 30.63 -45.35 13.16
C THR D 216 30.15 -46.62 13.85
N VAL D 217 31.01 -47.64 13.92
CA VAL D 217 30.68 -48.94 14.51
C VAL D 217 31.75 -49.36 15.52
N ASP D 218 31.38 -50.35 16.34
CA ASP D 218 32.37 -50.99 17.20
C ASP D 218 33.46 -51.63 16.35
N HIS D 219 34.67 -51.71 16.94
CA HIS D 219 35.80 -52.26 16.20
C HIS D 219 35.51 -53.67 15.71
N LYS D 220 34.84 -54.48 16.53
CA LYS D 220 34.60 -55.88 16.16
C LYS D 220 33.63 -56.01 15.00
N ASP D 221 32.82 -54.98 14.72
CA ASP D 221 31.87 -54.94 13.63
C ASP D 221 32.42 -54.31 12.36
N PHE D 222 33.64 -53.75 12.41
CA PHE D 222 34.08 -52.87 11.33
C PHE D 222 34.20 -53.58 9.98
N ASP D 223 34.90 -54.73 9.97
CA ASP D 223 35.15 -55.43 8.71
C ASP D 223 33.85 -55.83 8.03
N ARG D 224 32.88 -56.32 8.79
CA ARG D 224 31.61 -56.73 8.20
C ARG D 224 30.77 -55.53 7.75
N THR D 225 30.84 -54.41 8.49
CA THR D 225 30.22 -53.18 8.03
C THR D 225 30.89 -52.67 6.74
N GLU D 226 32.23 -52.72 6.68
CA GLU D 226 32.92 -52.31 5.45
C GLU D 226 32.53 -53.19 4.26
N LYS D 227 32.40 -54.50 4.48
CA LYS D 227 31.96 -55.41 3.43
C LYS D 227 30.58 -54.99 2.92
N TYR D 228 29.65 -54.72 3.85
CA TYR D 228 28.30 -54.37 3.45
C TYR D 228 28.32 -53.09 2.62
N LEU D 229 28.99 -52.04 3.10
CA LEU D 229 28.96 -50.77 2.39
C LEU D 229 29.71 -50.87 1.06
N ALA D 230 30.81 -51.62 1.02
CA ALA D 230 31.52 -51.84 -0.24
C ALA D 230 30.63 -52.51 -1.28
N GLU D 231 29.78 -53.44 -0.85
CA GLU D 231 28.94 -54.18 -1.79
C GLU D 231 27.70 -53.43 -2.26
N HIS D 232 27.29 -52.38 -1.54
CA HIS D 232 26.04 -51.70 -1.81
C HIS D 232 26.18 -50.21 -2.02
N PHE D 233 27.31 -49.61 -1.67
CA PHE D 233 27.52 -48.18 -1.80
C PHE D 233 28.95 -47.99 -2.32
N GLN D 234 29.39 -46.74 -2.37
CA GLN D 234 30.78 -46.46 -2.70
C GLN D 234 31.46 -45.94 -1.43
N LEU D 235 32.49 -46.66 -0.98
CA LEU D 235 33.27 -46.19 0.14
C LEU D 235 34.23 -45.11 -0.33
N GLN D 236 34.05 -43.91 0.21
CA GLN D 236 34.94 -42.78 -0.07
C GLN D 236 36.11 -42.74 0.88
N ASN D 237 35.95 -43.27 2.09
CA ASN D 237 37.03 -43.31 3.06
C ASN D 237 36.73 -44.37 4.11
N VAL D 238 37.81 -44.88 4.72
CA VAL D 238 37.76 -46.02 5.64
C VAL D 238 38.77 -45.73 6.74
N ASP D 239 38.29 -45.50 7.95
CA ASP D 239 39.16 -45.23 9.11
C ASP D 239 38.93 -46.34 10.11
N LYS D 240 39.59 -47.48 9.88
CA LYS D 240 39.45 -48.63 10.77
C LYS D 240 39.91 -48.32 12.18
N ALA D 241 40.95 -47.48 12.32
CA ALA D 241 41.48 -47.16 13.65
C ALA D 241 40.41 -46.56 14.55
N ASP D 242 39.56 -45.71 13.99
CA ASP D 242 38.54 -45.00 14.75
C ASP D 242 37.14 -45.55 14.54
N GLY D 243 36.96 -46.52 13.66
CA GLY D 243 35.65 -47.11 13.47
C GLY D 243 34.74 -46.40 12.50
N HIS D 244 35.26 -45.57 11.60
CA HIS D 244 34.41 -44.77 10.72
C HIS D 244 34.49 -45.27 9.28
N LEU D 245 33.35 -45.21 8.59
CA LEU D 245 33.25 -45.45 7.16
C LEU D 245 32.46 -44.31 6.52
N MET D 246 32.94 -43.81 5.39
CA MET D 246 32.33 -42.68 4.70
C MET D 246 31.79 -43.13 3.34
N ILE D 247 30.51 -42.82 3.09
CA ILE D 247 29.87 -43.04 1.81
C ILE D 247 29.26 -41.72 1.34
N ASN D 248 28.79 -41.69 0.08
CA ASN D 248 28.07 -40.51 -0.36
C ASN D 248 26.85 -40.27 0.53
N ALA D 249 26.45 -39.00 0.63
CA ALA D 249 25.38 -38.64 1.55
C ALA D 249 24.11 -39.42 1.25
N GLN D 250 23.48 -39.95 2.30
CA GLN D 250 22.20 -40.64 2.21
C GLN D 250 21.12 -39.77 2.85
N LYS D 251 19.99 -39.63 2.14
CA LYS D 251 18.85 -38.87 2.66
C LYS D 251 18.05 -39.69 3.66
N ASN D 252 17.99 -41.00 3.47
CA ASN D 252 17.14 -41.91 4.22
C ASN D 252 18.01 -43.09 4.64
N TYR D 253 18.13 -43.30 5.96
CA TYR D 253 19.00 -44.29 6.57
C TYR D 253 18.37 -45.67 6.67
N GLN D 254 17.11 -45.81 6.28
CA GLN D 254 16.36 -47.03 6.57
C GLN D 254 17.00 -48.26 5.91
N VAL D 255 17.40 -48.13 4.64
CA VAL D 255 18.00 -49.27 3.93
C VAL D 255 19.27 -49.75 4.65
N ILE D 256 20.17 -48.81 4.96
CA ILE D 256 21.40 -49.16 5.67
C ILE D 256 21.11 -49.76 7.04
N LEU D 257 20.26 -49.10 7.84
CA LEU D 257 20.05 -49.57 9.20
C LEU D 257 19.37 -50.94 9.21
N LYS D 258 18.43 -51.18 8.29
CA LYS D 258 17.83 -52.51 8.20
C LYS D 258 18.85 -53.56 7.78
N ALA D 259 19.70 -53.26 6.79
CA ALA D 259 20.67 -54.25 6.34
C ALA D 259 21.69 -54.56 7.42
N LEU D 260 22.18 -53.52 8.11
CA LEU D 260 23.10 -53.77 9.22
C LEU D 260 22.41 -54.55 10.32
N SER D 261 21.12 -54.29 10.57
CA SER D 261 20.41 -55.04 11.60
C SER D 261 20.34 -56.53 11.24
N GLU D 262 20.18 -56.85 9.95
CA GLU D 262 20.16 -58.26 9.58
C GLU D 262 21.50 -58.92 9.87
N LEU D 263 22.59 -58.15 9.84
CA LEU D 263 23.92 -58.63 10.22
C LEU D 263 24.18 -58.53 11.72
N ASP D 264 23.18 -58.14 12.51
CA ASP D 264 23.32 -57.94 13.96
C ASP D 264 24.34 -56.84 14.28
N ILE D 265 24.42 -55.82 13.43
CA ILE D 265 25.27 -54.66 13.64
C ILE D 265 24.39 -53.44 13.87
N TYR D 266 24.70 -52.67 14.92
CA TYR D 266 23.98 -51.44 15.21
C TYR D 266 25.01 -50.32 15.36
N PRO D 267 25.13 -49.45 14.50
CA PRO D 267 25.99 -48.30 14.52
C PRO D 267 25.71 -47.45 15.73
N LYS D 268 26.76 -46.88 16.28
CA LYS D 268 26.65 -45.98 17.42
C LYS D 268 26.25 -44.60 16.99
N TYR D 269 26.78 -44.16 15.85
CA TYR D 269 26.53 -42.75 15.43
C TYR D 269 26.53 -42.61 13.91
N ILE D 270 25.48 -42.00 13.35
CA ILE D 270 25.43 -41.74 11.88
C ILE D 270 25.27 -40.22 11.68
N GLU D 271 26.14 -39.61 10.85
CA GLU D 271 26.09 -38.14 10.64
C GLU D 271 26.32 -37.82 9.15
N THR D 272 25.74 -36.71 8.66
CA THR D 272 25.99 -36.27 7.27
C THR D 272 26.31 -34.78 7.46
N ARG D 273 27.37 -34.28 6.81
CA ARG D 273 27.68 -32.82 6.87
C ARG D 273 27.81 -32.28 5.43
N LYS D 274 26.86 -31.43 5.00
CA LYS D 274 26.86 -30.95 3.60
C LYS D 274 26.77 -29.46 3.83
N SER D 275 27.44 -28.64 2.99
CA SER D 275 27.37 -27.17 3.12
C SER D 275 25.98 -26.60 2.80
N SER D 276 25.54 -25.59 3.55
CA SER D 276 24.17 -25.05 3.35
C SER D 276 24.22 -23.87 2.38
N LEU D 277 23.08 -23.53 1.75
CA LEU D 277 23.10 -22.35 0.91
C LEU D 277 23.54 -21.17 1.72
N ARG D 278 23.25 -21.18 3.02
CA ARG D 278 23.67 -20.09 3.88
C ARG D 278 25.17 -19.95 3.88
N ASP D 279 25.88 -21.06 4.01
CA ASP D 279 27.34 -20.98 4.03
C ASP D 279 27.85 -20.51 2.68
N THR D 280 27.21 -20.97 1.60
CA THR D 280 27.60 -20.56 0.27
C THR D 280 27.44 -19.05 0.14
N TYR D 281 26.28 -18.56 0.59
CA TYR D 281 25.97 -17.14 0.55
C TYR D 281 27.00 -16.32 1.26
N PHE D 282 27.32 -16.66 2.50
CA PHE D 282 28.26 -15.84 3.22
C PHE D 282 29.60 -15.85 2.57
N ASN D 283 30.05 -17.02 2.12
CA ASN D 283 31.37 -17.08 1.54
C ASN D 283 31.50 -16.02 0.44
N ILE D 284 30.47 -15.93 -0.42
CA ILE D 284 30.36 -15.00 -1.55
C ILE D 284 30.17 -13.52 -1.18
N ASN D 285 29.23 -13.23 -0.27
CA ASN D 285 28.84 -11.85 0.03
C ASN D 285 29.36 -11.19 1.30
N GLN D 286 29.87 -11.94 2.26
CA GLN D 286 30.26 -11.38 3.56
C GLN D 286 31.26 -10.24 3.49
N ARG D 287 32.11 -10.24 2.46
CA ARG D 287 33.17 -9.27 2.34
C ARG D 287 32.71 -7.90 1.92
N GLY D 288 31.46 -7.76 1.51
CA GLY D 288 30.98 -6.45 1.12
C GLY D 288 31.10 -5.50 2.31
N ASP D 289 30.50 -5.92 3.42
CA ASP D 289 30.48 -5.17 4.67
C ASP D 289 31.61 -5.55 5.62
N LYS D 290 32.06 -6.81 5.56
CA LYS D 290 33.02 -7.30 6.53
C LYS D 290 34.40 -7.53 5.91
PG AGS E . 1.00 -11.69 11.58
S1G AGS E . 2.68 -11.44 12.44
O2G AGS E . 0.48 -10.47 10.75
O3G AGS E . 0.82 -12.79 10.51
PB AGS E . -0.46 -11.09 13.96
O1B AGS E . -0.35 -11.89 15.20
O2B AGS E . 0.35 -9.81 13.92
O3B AGS E . -0.07 -11.94 12.68
PA AGS E . -2.80 -9.38 13.74
O1A AGS E . -2.53 -8.68 15.01
O2A AGS E . -2.47 -8.54 12.49
O3A AGS E . -1.97 -10.72 13.63
O5' AGS E . -4.32 -9.86 13.61
C5' AGS E . -4.89 -10.90 14.43
C4' AGS E . -6.30 -11.16 13.99
O4' AGS E . -7.03 -9.92 13.94
C3' AGS E . -6.48 -11.85 12.63
O3' AGS E . -7.39 -12.93 12.72
C2' AGS E . -6.95 -10.72 11.71
O2' AGS E . -7.86 -11.16 10.70
C1' AGS E . -7.68 -9.78 12.68
N9 AGS E . -7.63 -8.36 12.30
C8 AGS E . -6.53 -7.54 12.28
N7 AGS E . -6.79 -6.32 11.87
C5 AGS E . -8.15 -6.34 11.60
C6 AGS E . -9.04 -5.36 11.11
N6 AGS E . -8.67 -4.12 10.82
N1 AGS E . -10.34 -5.71 10.94
C2 AGS E . -10.71 -6.97 11.25
N3 AGS E . -9.96 -7.98 11.71
C4 AGS E . -8.68 -7.60 11.87
MG MG F . 1.34 -8.73 11.71
PG AGS G . 15.65 -6.77 -2.02
S1G AGS G . 15.13 -8.58 -2.21
O2G AGS G . 14.50 -5.71 -2.17
O3G AGS G . 16.27 -6.24 -0.70
PB AGS G . 16.56 -6.61 -4.72
O1B AGS G . 17.65 -7.45 -5.26
O2B AGS G . 15.14 -7.07 -5.04
O3B AGS G . 16.67 -6.43 -3.15
PA AGS G . 15.89 -4.23 -6.26
O1A AGS G . 15.67 -4.99 -7.51
O2A AGS G . 14.59 -3.76 -5.58
O3A AGS G . 16.68 -5.10 -5.20
O5' AGS G . 16.82 -2.96 -6.47
C5' AGS G . 18.22 -3.05 -6.82
C4' AGS G . 18.81 -1.66 -6.86
O4' AGS G . 18.01 -0.81 -7.70
C3' AGS G . 18.97 -0.94 -5.51
O3' AGS G . 20.26 -0.38 -5.38
C2' AGS G . 17.83 0.10 -5.53
O2' AGS G . 18.17 1.30 -4.84
C1' AGS G . 17.66 0.38 -7.02
N9 AGS G . 16.30 0.76 -7.41
C8 AGS G . 15.18 -0.04 -7.41
N7 AGS G . 14.09 0.59 -7.78
C5 AGS G . 14.51 1.87 -8.06
C6 AGS G . 13.83 3.03 -8.49
N6 AGS G . 12.52 3.06 -8.75
N1 AGS G . 14.56 4.16 -8.66
C2 AGS G . 15.86 4.13 -8.41
N3 AGS G . 16.62 3.10 -8.00
C4 AGS G . 15.88 2.00 -7.83
MG MG H . 13.05 -6.66 -3.48
#